data_5RM0
#
_entry.id   5RM0
#
_cell.length_a   59.095
_cell.length_b   70.190
_cell.length_c   85.226
_cell.angle_alpha   102.660
_cell.angle_beta   96.150
_cell.angle_gamma   112.430
#
_symmetry.space_group_name_H-M   'P 1'
#
loop_
_entity.id
_entity.type
_entity.pdbx_description
1 polymer Helicase
2 non-polymer 'ZINC ION'
3 non-polymer 'PHOSPHATE ION'
4 non-polymer ~{N}-[(3~{R})-1,2,3,4-tetrahydroquinolin-3-yl]ethanamide
5 water water
#
_entity_poly.entity_id   1
_entity_poly.type   'polypeptide(L)'
_entity_poly.pdbx_seq_one_letter_code
;AVGACVLCNSQTSLRCGACIRRPFLCCKCCYDHVISTSHKLVLSVNPYVCNAPGCDVTDVTQLYLGGMSYYCKSHKPPIS
FPLCANGQVFGLYKNTCVGSDNVTDFNAIATCDWTNAGDYILANTCTERLKLFAAETLKATEETFKLSYGIATVREVLSD
RELHLSWEVGKPRPPLNRNYVFTGYRVTKNSKVQIGEYTFEKGDYGDAVVYRGTTTYKLNVGDYFVLTSHTVMPLSAPTL
VPQEHYVRITGLYPTLNISDEFSSNVANYQKVGMQKYSTLQGPPGTGKSHFAIGLALYYPSARIVYTACSHAAVDALCEK
ALKYLPIDKCSRIIPARARVECFDKFKVNSTLEQYVFCTVNALPETTADIVVFDEISMATNYDLSVVNARLRAKHYVYIG
DPAQLPAPRTLLTKGTLEPEYFNSVCRLMKTIGPDMFLGTCRRCPAEIVDTVSALVYDNKLKAHKDKSAQCFKMFYKGVI
THDVSSAINRPQIGVVREFLTRNPAWRKAVFISPYNSQNAVASKILGLPTQTVDSSQGSEYDYVIFTQTTETAHSCNVNR
FNVAITRAKVGILCIMSDRDLYDKLQFTSLEIPRRNVATLQ
;
_entity_poly.pdbx_strand_id   A,B
#
loop_
_chem_comp.id
_chem_comp.type
_chem_comp.name
_chem_comp.formula
PO4 non-polymer 'PHOSPHATE ION' 'O4 P -3'
S7G non-polymer ~{N}-[(3~{R})-1,2,3,4-tetrahydroquinolin-3-yl]ethanamide 'C11 H14 N2 O'
ZN non-polymer 'ZINC ION' 'Zn 2'
#
# COMPACT_ATOMS: atom_id res chain seq x y z
N ALA A 1 -7.90 -23.66 -9.48
CA ALA A 1 -7.48 -24.97 -9.98
C ALA A 1 -7.39 -25.07 -11.52
N VAL A 2 -7.87 -24.04 -12.23
CA VAL A 2 -7.79 -24.01 -13.69
C VAL A 2 -6.93 -22.82 -14.08
N GLY A 3 -5.83 -23.09 -14.78
CA GLY A 3 -4.92 -22.03 -15.16
C GLY A 3 -4.10 -22.27 -16.42
N ALA A 4 -3.08 -21.45 -16.62
CA ALA A 4 -2.26 -21.54 -17.81
C ALA A 4 -0.84 -22.09 -17.54
N CYS A 5 -0.37 -22.97 -18.45
CA CYS A 5 0.92 -23.66 -18.40
C CYS A 5 2.09 -22.67 -18.42
N VAL A 6 2.96 -22.70 -17.39
CA VAL A 6 4.10 -21.80 -17.32
C VAL A 6 5.15 -22.06 -18.41
N LEU A 7 4.93 -23.01 -19.34
CA LEU A 7 5.93 -23.30 -20.38
C LEU A 7 5.43 -23.10 -21.81
N CYS A 8 4.16 -23.42 -22.05
CA CYS A 8 3.59 -23.28 -23.38
C CYS A 8 2.22 -22.57 -23.39
N ASN A 9 1.72 -22.13 -22.21
CA ASN A 9 0.49 -21.35 -21.98
C ASN A 9 -0.80 -22.17 -22.13
N SER A 10 -0.72 -23.42 -22.63
CA SER A 10 -1.87 -24.33 -22.81
C SER A 10 -2.66 -24.45 -21.53
N GLN A 11 -3.98 -24.21 -21.58
CA GLN A 11 -4.83 -24.28 -20.40
C GLN A 11 -4.80 -25.69 -19.77
N THR A 12 -4.84 -25.79 -18.43
CA THR A 12 -4.82 -27.10 -17.76
C THR A 12 -5.40 -27.07 -16.36
N SER A 13 -5.79 -28.23 -15.84
CA SER A 13 -6.21 -28.40 -14.47
C SER A 13 -4.98 -28.83 -13.58
N LEU A 14 -3.83 -29.18 -14.20
CA LEU A 14 -2.65 -29.68 -13.47
C LEU A 14 -1.68 -28.62 -12.98
N ARG A 15 -1.28 -28.73 -11.72
CA ARG A 15 -0.24 -27.96 -11.02
C ARG A 15 0.74 -28.97 -10.44
N CYS A 16 2.04 -28.61 -10.39
CA CYS A 16 2.99 -29.51 -9.77
C CYS A 16 2.96 -29.27 -8.28
N GLY A 17 2.66 -30.33 -7.54
CA GLY A 17 2.59 -30.30 -6.09
C GLY A 17 3.95 -30.34 -5.43
N ALA A 18 4.99 -30.81 -6.14
CA ALA A 18 6.34 -30.86 -5.58
C ALA A 18 7.12 -29.52 -5.78
N CYS A 19 6.67 -28.68 -6.73
CA CYS A 19 7.24 -27.35 -6.94
C CYS A 19 6.76 -26.46 -5.82
N ILE A 20 7.68 -25.67 -5.22
CA ILE A 20 7.38 -24.75 -4.11
C ILE A 20 6.35 -23.65 -4.56
N ARG A 21 6.37 -23.28 -5.84
CA ARG A 21 5.43 -22.29 -6.35
C ARG A 21 4.14 -22.90 -6.95
N ARG A 22 4.04 -24.27 -7.06
CA ARG A 22 2.90 -25.04 -7.62
C ARG A 22 2.44 -24.54 -9.00
N PRO A 23 3.37 -24.46 -9.97
CA PRO A 23 2.98 -23.94 -11.29
C PRO A 23 2.04 -24.83 -12.10
N PHE A 24 1.13 -24.17 -12.86
CA PHE A 24 0.24 -24.88 -13.76
C PHE A 24 1.10 -25.42 -14.91
N LEU A 25 0.98 -26.72 -15.19
CA LEU A 25 1.68 -27.44 -16.23
C LEU A 25 0.63 -28.18 -17.05
N CYS A 26 0.75 -28.11 -18.38
CA CYS A 26 -0.18 -28.81 -19.25
C CYS A 26 0.18 -30.30 -19.32
N CYS A 27 -0.71 -31.17 -19.82
CA CYS A 27 -0.48 -32.61 -19.95
C CYS A 27 0.91 -32.95 -20.53
N LYS A 28 1.33 -32.24 -21.59
CA LYS A 28 2.60 -32.46 -22.23
C LYS A 28 3.78 -32.11 -21.33
N CYS A 29 3.79 -30.87 -20.79
CA CYS A 29 4.86 -30.37 -19.96
C CYS A 29 4.93 -30.99 -18.54
N CYS A 30 3.76 -31.32 -17.96
CA CYS A 30 3.65 -31.99 -16.67
C CYS A 30 4.31 -33.37 -16.75
N TYR A 31 4.06 -34.10 -17.83
CA TYR A 31 4.68 -35.39 -18.06
C TYR A 31 6.19 -35.24 -18.15
N ASP A 32 6.68 -34.35 -19.03
CA ASP A 32 8.11 -34.12 -19.23
C ASP A 32 8.84 -33.63 -17.97
N HIS A 33 8.07 -33.12 -16.99
CA HIS A 33 8.58 -32.71 -15.68
C HIS A 33 8.63 -33.90 -14.68
N VAL A 34 7.50 -34.63 -14.50
CA VAL A 34 7.45 -35.73 -13.55
C VAL A 34 8.34 -36.89 -13.93
N ILE A 35 8.49 -37.14 -15.24
CA ILE A 35 9.29 -38.24 -15.76
C ILE A 35 10.83 -37.97 -15.79
N SER A 36 11.22 -36.70 -15.57
CA SER A 36 12.64 -36.34 -15.59
C SER A 36 13.18 -35.79 -14.26
N THR A 37 12.32 -35.61 -13.24
CA THR A 37 12.72 -35.09 -11.92
C THR A 37 12.19 -35.95 -10.76
N SER A 38 12.61 -35.66 -9.51
CA SER A 38 12.06 -36.30 -8.32
C SER A 38 10.59 -35.82 -8.06
N HIS A 39 10.10 -34.82 -8.81
CA HIS A 39 8.77 -34.27 -8.60
C HIS A 39 7.70 -35.19 -9.16
N LYS A 40 6.92 -35.86 -8.29
CA LYS A 40 5.88 -36.78 -8.78
C LYS A 40 4.47 -36.43 -8.31
N LEU A 41 4.33 -35.46 -7.35
CA LEU A 41 2.97 -35.12 -6.90
C LEU A 41 2.38 -34.15 -7.90
N VAL A 42 1.22 -34.53 -8.46
CA VAL A 42 0.46 -33.71 -9.40
C VAL A 42 -0.87 -33.33 -8.73
N LEU A 43 -1.24 -32.04 -8.80
CA LEU A 43 -2.46 -31.51 -8.19
C LEU A 43 -3.42 -31.08 -9.29
N SER A 44 -4.71 -31.39 -9.13
CA SER A 44 -5.80 -30.99 -10.04
C SER A 44 -6.88 -30.33 -9.10
N VAL A 45 -8.20 -30.55 -9.30
CA VAL A 45 -9.26 -30.08 -8.35
C VAL A 45 -8.98 -30.75 -6.97
N ASN A 46 -8.68 -32.04 -7.05
CA ASN A 46 -8.31 -33.05 -6.08
C ASN A 46 -6.87 -33.51 -6.47
N PRO A 47 -6.04 -33.92 -5.50
CA PRO A 47 -4.67 -34.36 -5.85
C PRO A 47 -4.65 -35.73 -6.54
N TYR A 48 -3.52 -36.03 -7.19
CA TYR A 48 -3.36 -37.33 -7.82
C TYR A 48 -2.73 -38.25 -6.85
N VAL A 49 -3.59 -38.87 -6.07
CA VAL A 49 -3.26 -39.81 -5.00
C VAL A 49 -4.20 -41.02 -5.14
N CYS A 50 -3.76 -42.19 -4.67
CA CYS A 50 -4.59 -43.36 -4.70
C CYS A 50 -5.75 -43.19 -3.73
N ASN A 51 -6.97 -43.25 -4.29
CA ASN A 51 -8.26 -43.11 -3.61
C ASN A 51 -8.59 -44.26 -2.68
N ALA A 52 -7.95 -45.42 -2.86
CA ALA A 52 -8.18 -46.59 -2.04
C ALA A 52 -7.83 -46.29 -0.59
N PRO A 53 -8.74 -46.67 0.35
CA PRO A 53 -8.48 -46.36 1.76
C PRO A 53 -7.12 -46.80 2.28
N GLY A 54 -6.49 -45.92 3.06
CA GLY A 54 -5.20 -46.16 3.70
C GLY A 54 -4.01 -46.33 2.76
N CYS A 55 -4.15 -45.94 1.50
CA CYS A 55 -3.05 -46.08 0.55
C CYS A 55 -2.26 -44.82 0.39
N ASP A 56 -0.92 -44.93 0.49
CA ASP A 56 -0.04 -43.76 0.41
C ASP A 56 0.62 -43.53 -0.96
N VAL A 57 0.09 -44.13 -2.05
CA VAL A 57 0.67 -43.90 -3.40
C VAL A 57 0.24 -42.53 -3.91
N THR A 58 1.23 -41.60 -4.03
CA THR A 58 1.06 -40.21 -4.49
C THR A 58 1.83 -39.91 -5.81
N ASP A 59 2.73 -40.82 -6.23
CA ASP A 59 3.53 -40.71 -7.45
C ASP A 59 2.65 -40.93 -8.66
N VAL A 60 2.54 -39.90 -9.52
CA VAL A 60 1.69 -39.88 -10.72
C VAL A 60 2.06 -41.00 -11.74
N THR A 61 3.33 -41.41 -11.77
CA THR A 61 3.79 -42.47 -12.69
C THR A 61 3.32 -43.88 -12.23
N GLN A 62 2.98 -44.02 -10.93
CA GLN A 62 2.47 -45.25 -10.34
C GLN A 62 0.93 -45.23 -10.23
N LEU A 63 0.24 -44.19 -10.79
CA LEU A 63 -1.21 -44.06 -10.69
C LEU A 63 -1.95 -44.16 -12.03
N TYR A 64 -3.24 -44.55 -11.94
CA TYR A 64 -4.15 -44.84 -13.04
C TYR A 64 -5.54 -44.21 -12.78
N LEU A 65 -6.30 -43.98 -13.86
CA LEU A 65 -7.68 -43.49 -13.79
C LEU A 65 -8.68 -44.68 -13.97
N GLY A 66 -9.35 -45.04 -12.88
CA GLY A 66 -10.37 -46.08 -12.87
C GLY A 66 -11.73 -45.44 -12.66
N GLY A 67 -12.42 -45.20 -13.78
CA GLY A 67 -13.69 -44.48 -13.78
C GLY A 67 -13.39 -42.99 -13.80
N MET A 68 -13.74 -42.30 -12.71
CA MET A 68 -13.41 -40.88 -12.55
C MET A 68 -12.50 -40.64 -11.31
N SER A 69 -11.91 -41.72 -10.77
CA SER A 69 -11.05 -41.72 -9.60
C SER A 69 -9.61 -42.17 -9.95
N TYR A 70 -8.72 -42.07 -8.97
CA TYR A 70 -7.32 -42.43 -9.19
C TYR A 70 -6.92 -43.51 -8.23
N TYR A 71 -6.19 -44.52 -8.74
CA TYR A 71 -5.69 -45.66 -7.95
C TYR A 71 -4.30 -46.04 -8.38
N CYS A 72 -3.52 -46.69 -7.52
CA CYS A 72 -2.20 -47.19 -7.88
C CYS A 72 -2.32 -48.55 -8.67
N LYS A 73 -1.19 -49.25 -8.89
CA LYS A 73 -1.18 -50.54 -9.57
C LYS A 73 -1.86 -51.64 -8.72
N SER A 74 -1.71 -51.58 -7.37
CA SER A 74 -2.30 -52.54 -6.42
C SER A 74 -3.80 -52.36 -6.20
N HIS A 75 -4.37 -51.20 -6.55
CA HIS A 75 -5.77 -50.92 -6.27
C HIS A 75 -6.60 -50.55 -7.48
N LYS A 76 -6.00 -50.45 -8.67
CA LYS A 76 -6.75 -50.06 -9.86
C LYS A 76 -7.82 -51.10 -10.28
N PRO A 77 -8.96 -50.64 -10.82
CA PRO A 77 -9.94 -51.60 -11.36
C PRO A 77 -9.46 -52.20 -12.69
N PRO A 78 -10.04 -53.33 -13.18
CA PRO A 78 -9.56 -53.90 -14.45
C PRO A 78 -9.51 -52.88 -15.60
N ILE A 79 -10.56 -52.05 -15.69
CA ILE A 79 -10.64 -51.03 -16.71
C ILE A 79 -10.14 -49.69 -16.16
N SER A 80 -8.85 -49.43 -16.44
CA SER A 80 -8.12 -48.24 -16.02
C SER A 80 -7.01 -47.90 -17.01
N PHE A 81 -6.77 -46.62 -17.16
CA PHE A 81 -5.79 -46.03 -18.04
C PHE A 81 -4.65 -45.45 -17.18
N PRO A 82 -3.34 -45.64 -17.52
CA PRO A 82 -2.30 -44.98 -16.71
C PRO A 82 -2.39 -43.46 -16.80
N LEU A 83 -2.10 -42.79 -15.67
CA LEU A 83 -2.09 -41.32 -15.66
C LEU A 83 -0.93 -40.83 -16.54
N CYS A 84 0.21 -41.55 -16.49
CA CYS A 84 1.34 -41.21 -17.31
C CYS A 84 1.49 -42.14 -18.45
N ALA A 85 1.16 -41.65 -19.64
CA ALA A 85 1.39 -42.43 -20.86
C ALA A 85 1.33 -41.56 -22.08
N ASN A 86 2.09 -41.94 -23.12
CA ASN A 86 2.15 -41.24 -24.40
C ASN A 86 2.59 -39.78 -24.31
N GLY A 87 3.49 -39.51 -23.38
CA GLY A 87 4.02 -38.17 -23.19
C GLY A 87 3.07 -37.21 -22.53
N GLN A 88 2.04 -37.73 -21.83
CA GLN A 88 1.05 -36.89 -21.18
C GLN A 88 0.58 -37.40 -19.82
N VAL A 89 0.09 -36.47 -18.98
CA VAL A 89 -0.53 -36.71 -17.67
C VAL A 89 -2.00 -36.34 -17.84
N PHE A 90 -2.93 -37.26 -17.53
CA PHE A 90 -4.36 -36.99 -17.71
C PHE A 90 -4.84 -35.80 -16.91
N GLY A 91 -5.77 -35.08 -17.51
CA GLY A 91 -6.40 -33.88 -16.98
C GLY A 91 -7.07 -33.11 -18.10
N LEU A 92 -7.91 -32.13 -17.75
CA LEU A 92 -8.61 -31.31 -18.73
C LEU A 92 -7.71 -30.64 -19.79
N TYR A 93 -8.32 -30.32 -20.95
CA TYR A 93 -7.74 -29.58 -22.09
C TYR A 93 -6.52 -30.26 -22.73
N LYS A 94 -6.58 -31.60 -22.86
CA LYS A 94 -5.55 -32.45 -23.43
C LYS A 94 -5.33 -32.23 -24.91
N VAL A 103 11.72 -27.97 -21.83
CA VAL A 103 11.35 -28.21 -20.42
C VAL A 103 12.56 -28.66 -19.55
N THR A 104 13.73 -28.98 -20.18
CA THR A 104 14.98 -29.26 -19.44
C THR A 104 15.36 -28.05 -18.51
N ASP A 105 15.17 -26.82 -19.01
CA ASP A 105 15.45 -25.61 -18.25
C ASP A 105 14.47 -25.43 -17.07
N PHE A 106 13.19 -25.73 -17.28
CA PHE A 106 12.16 -25.64 -16.24
C PHE A 106 12.47 -26.63 -15.10
N ASN A 107 12.96 -27.83 -15.44
CA ASN A 107 13.28 -28.88 -14.45
C ASN A 107 14.39 -28.41 -13.53
N ALA A 108 15.42 -27.79 -14.11
CA ALA A 108 16.56 -27.28 -13.35
C ALA A 108 16.19 -26.12 -12.42
N ILE A 109 15.28 -25.23 -12.87
CA ILE A 109 14.81 -24.11 -12.04
C ILE A 109 13.95 -24.63 -10.87
N ALA A 110 13.05 -25.56 -11.19
CA ALA A 110 12.12 -26.17 -10.27
C ALA A 110 12.79 -26.98 -9.16
N THR A 111 13.95 -27.61 -9.46
CA THR A 111 14.63 -28.49 -8.50
C THR A 111 15.96 -27.98 -7.87
N CYS A 112 16.55 -26.90 -8.41
CA CYS A 112 17.80 -26.37 -7.86
C CYS A 112 17.65 -25.74 -6.46
N ASP A 113 18.74 -25.70 -5.68
CA ASP A 113 18.70 -25.10 -4.35
C ASP A 113 19.14 -23.59 -4.32
N TRP A 114 19.50 -23.02 -5.50
CA TRP A 114 19.94 -21.63 -5.71
C TRP A 114 21.27 -21.31 -5.03
N THR A 115 22.11 -22.31 -4.77
CA THR A 115 23.42 -22.09 -4.14
C THR A 115 24.54 -22.01 -5.22
N ASN A 116 24.26 -22.40 -6.46
CA ASN A 116 25.26 -22.39 -7.53
C ASN A 116 25.05 -21.20 -8.45
N ALA A 117 26.14 -20.71 -9.07
CA ALA A 117 26.04 -19.61 -10.02
C ALA A 117 25.24 -20.01 -11.28
N GLY A 118 25.43 -21.25 -11.72
CA GLY A 118 24.71 -21.83 -12.87
C GLY A 118 23.19 -21.80 -12.77
N ASP A 119 22.66 -21.73 -11.52
CA ASP A 119 21.23 -21.60 -11.24
C ASP A 119 20.71 -20.19 -11.63
N TYR A 120 21.54 -19.18 -11.35
CA TYR A 120 21.25 -17.79 -11.67
C TYR A 120 21.48 -17.56 -13.15
N ILE A 121 22.48 -18.24 -13.77
CA ILE A 121 22.72 -18.17 -15.20
C ILE A 121 21.51 -18.64 -15.96
N LEU A 122 20.98 -19.80 -15.58
CA LEU A 122 19.80 -20.34 -16.19
C LEU A 122 18.58 -19.43 -16.04
N ALA A 123 18.31 -18.92 -14.79
CA ALA A 123 17.18 -17.99 -14.52
C ALA A 123 17.18 -16.70 -15.40
N ASN A 124 18.31 -16.41 -16.02
CA ASN A 124 18.46 -15.23 -16.85
C ASN A 124 18.62 -15.54 -18.34
N THR A 125 18.94 -16.80 -18.69
CA THR A 125 19.04 -17.19 -20.10
C THR A 125 17.80 -17.93 -20.61
N CYS A 126 16.86 -18.28 -19.71
CA CYS A 126 15.65 -18.99 -20.06
C CYS A 126 14.59 -18.06 -20.74
N THR A 127 13.45 -18.61 -21.18
CA THR A 127 12.38 -17.83 -21.79
C THR A 127 11.79 -16.86 -20.76
N GLU A 128 11.04 -15.87 -21.25
CA GLU A 128 10.45 -14.87 -20.39
C GLU A 128 9.55 -15.41 -19.25
N ARG A 129 8.63 -16.36 -19.55
CA ARG A 129 7.80 -16.92 -18.49
C ARG A 129 8.63 -17.73 -17.48
N LEU A 130 9.74 -18.35 -17.94
CA LEU A 130 10.63 -19.07 -17.02
C LEU A 130 11.47 -18.13 -16.15
N LYS A 131 11.69 -16.88 -16.60
CA LYS A 131 12.40 -15.89 -15.82
C LYS A 131 11.53 -15.52 -14.60
N LEU A 132 10.17 -15.44 -14.77
CA LEU A 132 9.28 -15.11 -13.64
C LEU A 132 9.14 -16.27 -12.68
N PHE A 133 9.07 -17.52 -13.23
CA PHE A 133 9.00 -18.76 -12.45
C PHE A 133 10.27 -18.86 -11.63
N ALA A 134 11.43 -18.68 -12.28
CA ALA A 134 12.74 -18.64 -11.65
C ALA A 134 12.82 -17.58 -10.55
N ALA A 135 12.39 -16.34 -10.82
CA ALA A 135 12.42 -15.24 -9.85
C ALA A 135 11.51 -15.47 -8.63
N GLU A 136 10.29 -16.02 -8.84
CA GLU A 136 9.32 -16.36 -7.79
C GLU A 136 9.91 -17.48 -6.90
N THR A 137 10.46 -18.54 -7.56
CA THR A 137 11.03 -19.74 -6.93
C THR A 137 12.23 -19.37 -6.08
N LEU A 138 13.12 -18.53 -6.61
CA LEU A 138 14.31 -18.07 -5.92
C LEU A 138 13.90 -17.27 -4.70
N LYS A 139 12.97 -16.31 -4.86
CA LYS A 139 12.58 -15.46 -3.75
C LYS A 139 11.93 -16.24 -2.64
N ALA A 140 11.06 -17.20 -3.00
CA ALA A 140 10.40 -18.06 -2.01
C ALA A 140 11.45 -18.92 -1.32
N THR A 141 12.43 -19.46 -2.07
CA THR A 141 13.50 -20.26 -1.49
C THR A 141 14.35 -19.44 -0.47
N GLU A 142 14.67 -18.16 -0.82
CA GLU A 142 15.40 -17.22 0.04
C GLU A 142 14.64 -16.91 1.34
N GLU A 143 13.29 -16.80 1.28
CA GLU A 143 12.46 -16.52 2.45
C GLU A 143 12.20 -17.77 3.30
N THR A 144 11.98 -18.95 2.66
CA THR A 144 11.86 -20.23 3.40
C THR A 144 13.21 -20.60 4.08
N PHE A 145 14.33 -20.03 3.60
CA PHE A 145 15.63 -20.20 4.20
C PHE A 145 15.77 -19.30 5.45
N LYS A 146 15.04 -18.15 5.47
CA LYS A 146 14.97 -17.19 6.59
C LYS A 146 14.32 -17.78 7.86
N LEU A 147 13.70 -18.95 7.76
CA LEU A 147 13.12 -19.65 8.90
C LEU A 147 14.18 -20.61 9.57
N SER A 148 15.40 -20.72 9.00
CA SER A 148 16.47 -21.63 9.41
C SER A 148 17.46 -21.12 10.48
N TYR A 149 17.64 -19.80 10.61
CA TYR A 149 18.59 -19.27 11.61
C TYR A 149 18.04 -19.32 13.07
N GLY A 150 18.87 -19.03 14.07
CA GLY A 150 18.48 -19.02 15.48
C GLY A 150 18.10 -17.66 16.00
N ILE A 151 17.17 -17.63 16.99
CA ILE A 151 16.64 -16.44 17.66
C ILE A 151 17.67 -15.80 18.60
N ALA A 152 17.73 -14.45 18.64
CA ALA A 152 18.64 -13.75 19.55
C ALA A 152 17.86 -13.12 20.72
N THR A 153 18.09 -13.60 21.94
CA THR A 153 17.43 -13.06 23.11
C THR A 153 18.43 -12.19 23.89
N VAL A 154 18.09 -10.91 24.10
CA VAL A 154 18.93 -9.94 24.80
C VAL A 154 19.29 -10.37 26.23
N ARG A 155 20.58 -10.63 26.46
CA ARG A 155 21.05 -11.00 27.79
C ARG A 155 21.12 -9.75 28.68
N GLU A 156 21.71 -8.64 28.17
CA GLU A 156 21.80 -7.39 28.92
C GLU A 156 21.90 -6.13 28.01
N VAL A 157 21.49 -4.97 28.54
CA VAL A 157 21.56 -3.68 27.84
C VAL A 157 22.72 -2.89 28.47
N LEU A 158 23.74 -2.55 27.67
CA LEU A 158 24.89 -1.81 28.18
C LEU A 158 24.60 -0.29 28.13
N SER A 159 24.17 0.18 26.95
CA SER A 159 23.90 1.58 26.71
C SER A 159 22.75 1.76 25.67
N ASP A 160 22.57 3.00 25.13
CA ASP A 160 21.57 3.33 24.12
C ASP A 160 21.94 2.81 22.69
N ARG A 161 23.20 2.37 22.50
CA ARG A 161 23.68 1.86 21.23
C ARG A 161 24.45 0.52 21.35
N GLU A 162 24.58 -0.06 22.56
CA GLU A 162 25.30 -1.33 22.72
C GLU A 162 24.54 -2.35 23.62
N LEU A 163 24.59 -3.67 23.28
CA LEU A 163 23.96 -4.76 24.05
C LEU A 163 24.71 -6.11 23.93
N HIS A 164 24.40 -7.08 24.80
CA HIS A 164 24.99 -8.42 24.76
C HIS A 164 23.90 -9.42 24.37
N LEU A 165 24.18 -10.32 23.40
CA LEU A 165 23.17 -11.27 22.90
C LEU A 165 23.39 -12.75 23.26
N SER A 166 22.27 -13.46 23.46
CA SER A 166 22.19 -14.89 23.76
C SER A 166 21.54 -15.60 22.56
N TRP A 167 22.31 -16.46 21.86
CA TRP A 167 21.81 -17.12 20.65
C TRP A 167 21.25 -18.51 20.85
N GLU A 168 20.27 -18.87 19.99
CA GLU A 168 19.60 -20.17 20.03
C GLU A 168 20.56 -21.29 19.71
N VAL A 169 20.51 -22.36 20.52
CA VAL A 169 21.36 -23.54 20.37
C VAL A 169 20.80 -24.43 19.24
N GLY A 170 21.69 -25.01 18.44
CA GLY A 170 21.30 -25.89 17.35
C GLY A 170 21.08 -25.23 16.00
N LYS A 171 20.67 -23.95 16.00
CA LYS A 171 20.44 -23.22 14.74
C LYS A 171 21.58 -22.24 14.48
N PRO A 172 22.08 -22.16 13.23
CA PRO A 172 23.20 -21.24 12.95
C PRO A 172 22.91 -19.78 13.25
N ARG A 173 24.00 -19.00 13.42
CA ARG A 173 23.90 -17.57 13.71
C ARG A 173 24.08 -16.79 12.41
N PRO A 174 23.13 -15.91 12.08
CA PRO A 174 23.24 -15.17 10.81
C PRO A 174 24.29 -14.05 10.78
N PRO A 175 24.84 -13.75 9.59
CA PRO A 175 25.84 -12.69 9.48
C PRO A 175 25.41 -11.34 10.06
N LEU A 176 26.11 -10.84 11.09
CA LEU A 176 25.75 -9.57 11.72
C LEU A 176 26.30 -8.34 10.99
N ASN A 177 25.55 -7.88 9.99
CA ASN A 177 25.85 -6.72 9.15
C ASN A 177 24.54 -5.94 8.84
N ARG A 178 24.65 -4.75 8.22
CA ARG A 178 23.45 -3.99 7.83
C ARG A 178 22.59 -4.73 6.78
N ASN A 179 23.17 -5.75 6.11
CA ASN A 179 22.53 -6.57 5.09
C ASN A 179 21.35 -7.35 5.68
N TYR A 180 21.50 -7.86 6.91
CA TYR A 180 20.46 -8.64 7.60
C TYR A 180 19.63 -7.75 8.55
N VAL A 181 18.32 -7.60 8.29
CA VAL A 181 17.45 -6.78 9.13
C VAL A 181 16.46 -7.62 9.94
N PHE A 182 16.61 -7.60 11.24
CA PHE A 182 15.73 -8.34 12.13
C PHE A 182 14.52 -7.51 12.47
N THR A 183 13.40 -8.17 12.73
CA THR A 183 12.22 -7.49 13.22
C THR A 183 12.20 -7.76 14.71
N GLY A 184 12.17 -6.70 15.49
CA GLY A 184 12.17 -6.81 16.94
C GLY A 184 10.79 -7.05 17.50
N TYR A 185 10.71 -7.81 18.59
CA TYR A 185 9.44 -8.14 19.24
C TYR A 185 9.54 -8.03 20.77
N GLN A 194 5.88 -5.97 18.36
CA GLN A 194 6.68 -5.45 17.24
C GLN A 194 7.37 -4.17 17.64
N ILE A 195 8.56 -4.29 18.24
CA ILE A 195 9.36 -3.14 18.69
C ILE A 195 10.17 -2.48 17.52
N GLY A 196 9.78 -2.74 16.27
CA GLY A 196 10.40 -2.15 15.09
C GLY A 196 11.57 -2.94 14.56
N GLU A 197 11.96 -2.66 13.31
CA GLU A 197 13.10 -3.33 12.70
C GLU A 197 14.41 -2.89 13.38
N TYR A 198 15.40 -3.78 13.45
CA TYR A 198 16.68 -3.50 14.12
C TYR A 198 17.83 -4.18 13.36
N THR A 199 19.02 -3.55 13.32
CA THR A 199 20.25 -4.12 12.72
C THR A 199 21.36 -4.30 13.80
N PHE A 200 22.44 -5.08 13.51
CA PHE A 200 23.55 -5.34 14.46
C PHE A 200 24.98 -5.29 13.86
N GLU A 201 25.99 -4.87 14.65
CA GLU A 201 27.41 -4.81 14.24
C GLU A 201 28.35 -5.21 15.39
N LYS A 202 29.36 -6.07 15.14
CA LYS A 202 30.28 -6.50 16.21
C LYS A 202 31.27 -5.41 16.67
N ASP A 207 32.57 -9.46 24.43
CA ASP A 207 31.39 -9.95 23.72
C ASP A 207 30.39 -8.81 23.42
N ALA A 208 30.86 -7.54 23.28
CA ALA A 208 29.99 -6.38 23.03
C ALA A 208 29.56 -6.17 21.58
N VAL A 209 28.24 -6.11 21.34
CA VAL A 209 27.64 -5.89 20.02
C VAL A 209 26.88 -4.53 19.98
N VAL A 210 26.91 -3.87 18.81
CA VAL A 210 26.28 -2.56 18.57
C VAL A 210 24.85 -2.73 17.97
N TYR A 211 23.79 -2.24 18.67
CA TYR A 211 22.40 -2.39 18.21
C TYR A 211 21.84 -1.12 17.55
N ARG A 212 21.19 -1.26 16.37
CA ARG A 212 20.64 -0.11 15.64
C ARG A 212 19.16 -0.23 15.31
N GLY A 213 18.34 0.35 16.18
CA GLY A 213 16.90 0.31 16.00
C GLY A 213 16.32 1.37 15.10
N THR A 214 15.47 0.94 14.16
CA THR A 214 14.77 1.85 13.25
C THR A 214 13.83 2.77 14.09
N THR A 215 13.25 2.22 15.17
CA THR A 215 12.39 2.93 16.11
C THR A 215 13.16 2.98 17.45
N THR A 216 13.31 4.17 18.07
CA THR A 216 14.03 4.27 19.35
C THR A 216 13.23 3.63 20.46
N TYR A 217 13.81 2.63 21.13
CA TYR A 217 13.08 1.93 22.19
C TYR A 217 13.98 1.55 23.34
N LYS A 218 13.40 1.54 24.56
CA LYS A 218 14.10 1.16 25.78
C LYS A 218 14.26 -0.35 25.71
N LEU A 219 15.37 -0.83 25.10
CA LEU A 219 15.69 -2.24 24.86
C LEU A 219 15.41 -3.12 26.08
N ASN A 220 14.27 -3.84 26.05
CA ASN A 220 13.88 -4.70 27.16
C ASN A 220 14.83 -5.90 27.21
N VAL A 221 15.30 -6.24 28.42
CA VAL A 221 16.17 -7.40 28.62
C VAL A 221 15.29 -8.64 28.47
N GLY A 222 15.71 -9.56 27.60
CA GLY A 222 14.93 -10.75 27.33
C GLY A 222 14.13 -10.65 26.04
N ASP A 223 13.87 -9.42 25.55
CA ASP A 223 13.13 -9.20 24.30
C ASP A 223 13.93 -9.82 23.14
N TYR A 224 13.25 -10.47 22.21
CA TYR A 224 13.91 -11.17 21.11
C TYR A 224 13.73 -10.53 19.71
N PHE A 225 14.67 -10.81 18.80
CA PHE A 225 14.65 -10.33 17.42
C PHE A 225 14.64 -11.55 16.48
N VAL A 226 13.89 -11.48 15.37
CA VAL A 226 13.82 -12.58 14.38
C VAL A 226 13.78 -11.96 12.95
N LEU A 227 14.56 -12.50 11.97
CA LEU A 227 14.59 -11.99 10.59
C LEU A 227 13.22 -12.02 9.94
N THR A 228 12.87 -10.91 9.27
CA THR A 228 11.59 -10.76 8.60
C THR A 228 11.45 -11.69 7.39
N SER A 229 10.60 -12.70 7.51
CA SER A 229 10.36 -13.63 6.43
C SER A 229 9.02 -13.25 5.78
N HIS A 230 9.05 -12.36 4.75
CA HIS A 230 7.86 -11.87 4.06
C HIS A 230 7.37 -12.83 2.98
N THR A 231 6.04 -12.88 2.77
CA THR A 231 5.37 -13.71 1.78
C THR A 231 5.73 -13.23 0.38
N VAL A 232 6.17 -14.15 -0.49
CA VAL A 232 6.55 -13.87 -1.89
C VAL A 232 5.34 -13.94 -2.74
N MET A 233 4.95 -12.81 -3.31
CA MET A 233 3.78 -12.74 -4.17
C MET A 233 4.12 -13.24 -5.57
N PRO A 234 3.14 -13.80 -6.28
CA PRO A 234 3.42 -14.26 -7.65
C PRO A 234 3.64 -13.08 -8.61
N LEU A 235 4.43 -13.34 -9.66
CA LEU A 235 4.78 -12.41 -10.71
C LEU A 235 3.85 -12.63 -11.89
N SER A 236 3.42 -11.53 -12.53
CA SER A 236 2.49 -11.57 -13.67
C SER A 236 3.07 -10.89 -14.89
N ALA A 237 3.75 -9.75 -14.67
CA ALA A 237 4.35 -8.95 -15.72
C ALA A 237 5.77 -9.43 -16.10
N PRO A 238 6.18 -9.34 -17.39
CA PRO A 238 7.55 -9.75 -17.76
C PRO A 238 8.62 -8.84 -17.12
N THR A 239 9.87 -9.27 -17.15
CA THR A 239 10.97 -8.45 -16.62
C THR A 239 11.20 -7.21 -17.50
N LEU A 240 11.03 -7.38 -18.81
CA LEU A 240 11.08 -6.36 -19.84
C LEU A 240 9.82 -6.50 -20.68
N VAL A 241 9.14 -5.39 -20.97
CA VAL A 241 7.97 -5.44 -21.88
C VAL A 241 8.53 -5.74 -23.31
N PRO A 242 7.71 -6.20 -24.27
CA PRO A 242 8.26 -6.44 -25.63
C PRO A 242 8.69 -5.09 -26.21
N GLN A 243 9.89 -5.06 -26.79
CA GLN A 243 10.41 -3.83 -27.37
C GLN A 243 9.57 -3.33 -28.54
N GLU A 244 9.43 -2.03 -28.65
CA GLU A 244 8.75 -1.40 -29.76
C GLU A 244 9.60 -0.26 -30.24
N HIS A 245 9.88 -0.17 -31.53
CA HIS A 245 10.59 0.96 -32.08
C HIS A 245 9.62 1.82 -32.86
N TYR A 246 9.77 3.13 -32.73
CA TYR A 246 8.86 4.07 -33.38
C TYR A 246 9.61 4.94 -34.36
N VAL A 247 8.88 5.52 -35.33
CA VAL A 247 9.46 6.39 -36.34
C VAL A 247 9.50 7.87 -35.91
N ARG A 248 8.75 8.22 -34.86
CA ARG A 248 8.65 9.53 -34.27
C ARG A 248 8.57 9.36 -32.77
N ILE A 249 8.84 10.45 -32.02
CA ILE A 249 8.72 10.51 -30.57
C ILE A 249 7.24 10.34 -30.25
N THR A 250 6.93 9.34 -29.42
CA THR A 250 5.56 8.94 -29.13
C THR A 250 5.06 9.32 -27.73
N GLY A 251 3.94 10.04 -27.65
CA GLY A 251 3.33 10.44 -26.39
C GLY A 251 4.09 11.44 -25.54
N LEU A 252 5.18 11.95 -26.09
CA LEU A 252 6.05 12.89 -25.42
C LEU A 252 6.19 14.13 -26.30
N TYR A 253 6.29 15.30 -25.67
CA TYR A 253 6.37 16.54 -26.42
C TYR A 253 7.64 17.33 -26.03
N PRO A 254 8.67 17.28 -26.91
CA PRO A 254 9.95 17.92 -26.59
C PRO A 254 9.94 19.44 -26.49
N THR A 255 10.93 20.04 -25.81
CA THR A 255 11.07 21.50 -25.80
C THR A 255 12.04 21.86 -26.92
N LEU A 256 11.91 23.06 -27.42
CA LEU A 256 12.86 23.63 -28.38
C LEU A 256 13.84 24.55 -27.60
N ASN A 257 13.39 25.08 -26.44
CA ASN A 257 14.11 25.86 -25.47
C ASN A 257 14.56 24.85 -24.40
N ILE A 258 15.70 24.16 -24.64
CA ILE A 258 16.25 23.19 -23.68
C ILE A 258 17.59 23.71 -23.14
N SER A 259 17.70 23.87 -21.79
CA SER A 259 18.91 24.37 -21.09
C SER A 259 20.21 23.77 -21.63
N ASP A 260 21.20 24.63 -22.01
CA ASP A 260 22.49 24.19 -22.57
C ASP A 260 23.18 23.09 -21.76
N GLU A 261 22.91 23.06 -20.45
CA GLU A 261 23.39 22.08 -19.48
C GLU A 261 23.09 20.65 -19.95
N PHE A 262 21.87 20.45 -20.52
CA PHE A 262 21.32 19.18 -20.98
C PHE A 262 21.38 18.93 -22.48
N SER A 263 22.05 19.81 -23.23
CA SER A 263 22.21 19.72 -24.68
C SER A 263 22.96 18.46 -25.11
N SER A 264 23.93 18.02 -24.29
CA SER A 264 24.69 16.81 -24.61
C SER A 264 23.79 15.57 -24.68
N ASN A 265 22.64 15.58 -23.99
CA ASN A 265 21.78 14.41 -23.96
C ASN A 265 20.54 14.50 -24.87
N VAL A 266 20.40 15.55 -25.69
CA VAL A 266 19.23 15.73 -26.57
C VAL A 266 18.99 14.55 -27.53
N ALA A 267 20.03 14.03 -28.23
CA ALA A 267 19.82 12.91 -29.15
C ALA A 267 19.38 11.64 -28.39
N ASN A 268 19.94 11.41 -27.20
CA ASN A 268 19.58 10.27 -26.35
C ASN A 268 18.15 10.41 -25.79
N TYR A 269 17.71 11.64 -25.46
CA TYR A 269 16.35 11.92 -24.99
C TYR A 269 15.35 11.63 -26.12
N GLN A 270 15.74 11.92 -27.38
CA GLN A 270 14.90 11.66 -28.55
C GLN A 270 14.80 10.15 -28.79
N LYS A 271 15.92 9.40 -28.62
CA LYS A 271 15.96 7.93 -28.71
C LYS A 271 14.99 7.34 -27.66
N VAL A 272 14.96 7.91 -26.43
CA VAL A 272 14.05 7.48 -25.36
C VAL A 272 12.56 7.53 -25.81
N GLY A 273 12.18 8.60 -26.52
CA GLY A 273 10.81 8.77 -27.02
C GLY A 273 10.48 7.96 -28.25
N MET A 274 11.49 7.39 -28.91
CA MET A 274 11.29 6.59 -30.12
C MET A 274 11.41 5.09 -29.94
N GLN A 275 11.37 4.62 -28.70
CA GLN A 275 11.46 3.20 -28.30
C GLN A 275 10.56 2.98 -27.07
N LYS A 276 10.03 1.76 -26.88
CA LYS A 276 9.23 1.44 -25.69
C LYS A 276 10.15 1.51 -24.45
N TYR A 277 11.34 0.91 -24.55
CA TYR A 277 12.30 0.96 -23.45
C TYR A 277 13.71 1.19 -23.99
N SER A 278 14.53 1.83 -23.18
CA SER A 278 15.92 2.10 -23.55
C SER A 278 16.85 1.83 -22.37
N THR A 279 18.07 1.35 -22.67
CA THR A 279 19.07 1.08 -21.64
C THR A 279 20.18 2.14 -21.71
N LEU A 280 20.56 2.62 -20.53
CA LEU A 280 21.65 3.59 -20.43
C LEU A 280 22.78 3.02 -19.51
N GLN A 281 23.97 2.76 -20.10
CA GLN A 281 25.13 2.38 -19.30
C GLN A 281 25.92 3.65 -18.97
N GLY A 282 25.91 3.98 -17.69
CA GLY A 282 26.65 5.12 -17.20
C GLY A 282 27.67 4.73 -16.16
N PRO A 283 28.95 4.58 -16.57
CA PRO A 283 30.04 4.37 -15.60
C PRO A 283 30.04 5.43 -14.48
N PRO A 284 30.83 5.24 -13.40
CA PRO A 284 30.81 6.23 -12.30
C PRO A 284 31.08 7.68 -12.77
N GLY A 285 30.23 8.61 -12.31
CA GLY A 285 30.41 10.03 -12.52
C GLY A 285 30.31 10.53 -13.95
N THR A 286 29.58 9.79 -14.77
CA THR A 286 29.38 10.12 -16.18
C THR A 286 28.08 10.91 -16.46
N GLY A 287 27.23 11.08 -15.45
CA GLY A 287 26.04 11.88 -15.58
C GLY A 287 24.71 11.15 -15.61
N LYS A 288 24.57 10.03 -14.88
CA LYS A 288 23.31 9.29 -14.85
C LYS A 288 22.14 10.10 -14.24
N SER A 289 22.31 10.71 -13.03
CA SER A 289 21.22 11.47 -12.42
C SER A 289 20.90 12.71 -13.24
N HIS A 290 21.94 13.34 -13.83
CA HIS A 290 21.82 14.51 -14.69
C HIS A 290 20.97 14.13 -15.90
N PHE A 291 21.26 12.98 -16.52
CA PHE A 291 20.50 12.47 -17.64
C PHE A 291 19.03 12.21 -17.23
N ALA A 292 18.82 11.51 -16.10
CA ALA A 292 17.47 11.19 -15.61
C ALA A 292 16.63 12.45 -15.34
N ILE A 293 17.20 13.49 -14.67
CA ILE A 293 16.44 14.70 -14.38
C ILE A 293 16.28 15.58 -15.63
N GLY A 294 17.28 15.57 -16.51
CA GLY A 294 17.23 16.27 -17.79
C GLY A 294 16.19 15.74 -18.76
N LEU A 295 15.79 14.50 -18.56
CA LEU A 295 14.75 13.88 -19.35
C LEU A 295 13.41 14.61 -19.04
N ALA A 296 13.19 15.05 -17.76
CA ALA A 296 12.02 15.80 -17.33
C ALA A 296 11.99 17.18 -17.94
N LEU A 297 13.15 17.85 -18.01
CA LEU A 297 13.26 19.16 -18.63
C LEU A 297 13.12 19.07 -20.18
N TYR A 298 13.48 17.91 -20.78
CA TYR A 298 13.35 17.74 -22.21
C TYR A 298 11.91 17.45 -22.61
N TYR A 299 11.14 16.69 -21.80
CA TYR A 299 9.71 16.42 -22.08
C TYR A 299 8.99 17.04 -20.89
N PRO A 300 8.83 18.39 -20.93
CA PRO A 300 8.35 19.12 -19.75
C PRO A 300 6.95 18.80 -19.24
N SER A 301 6.04 18.36 -20.10
CA SER A 301 4.68 18.02 -19.64
C SER A 301 4.51 16.54 -19.23
N ALA A 302 5.52 15.70 -19.50
CA ALA A 302 5.52 14.27 -19.21
C ALA A 302 5.52 13.96 -17.71
N ARG A 303 4.68 13.02 -17.29
CA ARG A 303 4.64 12.54 -15.91
C ARG A 303 5.72 11.45 -15.78
N ILE A 304 6.71 11.68 -14.89
CA ILE A 304 7.80 10.72 -14.73
C ILE A 304 7.84 10.10 -13.35
N VAL A 305 7.86 8.78 -13.31
CA VAL A 305 8.02 8.07 -12.07
C VAL A 305 9.47 7.61 -12.04
N TYR A 306 10.20 8.06 -11.02
CA TYR A 306 11.59 7.75 -10.76
C TYR A 306 11.62 6.65 -9.71
N THR A 307 12.22 5.52 -10.06
CA THR A 307 12.28 4.35 -9.18
C THR A 307 13.67 3.73 -9.15
N ALA A 308 13.96 3.02 -8.04
CA ALA A 308 15.19 2.26 -7.76
C ALA A 308 14.91 1.28 -6.58
N CYS A 309 15.77 0.27 -6.35
CA CYS A 309 15.49 -0.69 -5.27
C CYS A 309 15.68 -0.08 -3.89
N SER A 310 16.80 0.65 -3.70
CA SER A 310 17.13 1.26 -2.41
C SER A 310 16.57 2.68 -2.18
N HIS A 311 16.36 3.03 -0.91
CA HIS A 311 15.96 4.38 -0.53
C HIS A 311 17.07 5.36 -0.88
N ALA A 312 18.36 4.96 -0.76
CA ALA A 312 19.48 5.84 -1.10
C ALA A 312 19.53 6.21 -2.60
N ALA A 313 19.29 5.24 -3.50
CA ALA A 313 19.28 5.55 -4.93
C ALA A 313 18.15 6.50 -5.27
N VAL A 314 16.96 6.29 -4.66
CA VAL A 314 15.79 7.16 -4.88
C VAL A 314 16.06 8.59 -4.37
N ASP A 315 16.70 8.70 -3.17
CA ASP A 315 17.11 9.96 -2.51
C ASP A 315 18.10 10.75 -3.35
N ALA A 316 19.09 10.10 -3.97
CA ALA A 316 20.05 10.76 -4.86
C ALA A 316 19.36 11.35 -6.11
N LEU A 317 18.27 10.69 -6.59
CA LEU A 317 17.46 11.17 -7.71
C LEU A 317 16.64 12.41 -7.24
N CYS A 318 16.13 12.35 -5.98
CA CYS A 318 15.38 13.43 -5.33
C CYS A 318 16.29 14.70 -5.20
N GLU A 319 17.56 14.51 -4.77
CA GLU A 319 18.54 15.59 -4.62
C GLU A 319 18.78 16.28 -5.94
N LYS A 320 18.89 15.49 -7.05
CA LYS A 320 19.10 16.04 -8.38
C LYS A 320 17.85 16.79 -8.87
N ALA A 321 16.63 16.26 -8.60
CA ALA A 321 15.38 16.93 -9.00
C ALA A 321 15.14 18.23 -8.20
N LEU A 322 15.58 18.26 -6.95
CA LEU A 322 15.42 19.43 -6.10
C LEU A 322 16.12 20.68 -6.72
N LYS A 323 17.27 20.45 -7.38
CA LYS A 323 18.10 21.45 -8.04
C LYS A 323 17.55 21.90 -9.44
N TYR A 324 16.72 21.07 -10.12
CA TYR A 324 16.29 21.41 -11.48
C TYR A 324 14.79 21.46 -11.74
N LEU A 325 14.02 20.73 -10.96
CA LEU A 325 12.58 20.60 -11.18
C LEU A 325 11.74 21.32 -10.11
N PRO A 326 10.56 21.82 -10.54
CA PRO A 326 9.65 22.50 -9.58
C PRO A 326 9.27 21.60 -8.41
N ILE A 327 9.64 22.00 -7.18
CA ILE A 327 9.40 21.25 -5.95
C ILE A 327 7.91 20.95 -5.70
N ASP A 328 6.99 21.80 -6.21
CA ASP A 328 5.54 21.56 -6.03
C ASP A 328 5.01 20.41 -6.89
N LYS A 329 5.70 20.04 -7.97
CA LYS A 329 5.26 18.90 -8.77
C LYS A 329 5.99 17.59 -8.41
N CYS A 330 6.85 17.61 -7.37
CA CYS A 330 7.54 16.42 -6.87
C CYS A 330 6.90 15.83 -5.62
N SER A 331 7.05 14.51 -5.48
CA SER A 331 6.56 13.79 -4.31
C SER A 331 7.38 12.54 -4.04
N ARG A 332 7.82 12.38 -2.78
CA ARG A 332 8.56 11.22 -2.34
C ARG A 332 7.58 10.23 -1.67
N ILE A 333 7.36 9.04 -2.29
CA ILE A 333 6.46 8.01 -1.73
C ILE A 333 7.27 7.26 -0.69
N ILE A 334 6.76 7.22 0.53
CA ILE A 334 7.40 6.58 1.67
C ILE A 334 6.43 5.59 2.26
N PRO A 335 6.85 4.30 2.39
CA PRO A 335 5.96 3.30 2.99
C PRO A 335 5.76 3.50 4.48
N ALA A 336 4.53 3.25 4.95
CA ALA A 336 4.15 3.41 6.35
C ALA A 336 5.06 2.58 7.27
N ARG A 337 5.55 1.42 6.80
CA ARG A 337 6.48 0.62 7.58
C ARG A 337 7.91 1.13 7.29
N ALA A 338 8.20 2.36 7.75
CA ALA A 338 9.46 3.08 7.58
C ALA A 338 10.63 2.39 8.27
N ARG A 339 11.67 2.05 7.49
CA ARG A 339 12.87 1.34 7.93
C ARG A 339 14.06 2.30 8.16
N VAL A 340 14.35 3.17 7.18
CA VAL A 340 15.42 4.15 7.33
C VAL A 340 14.93 5.55 6.98
N GLU A 341 15.65 6.57 7.49
CA GLU A 341 15.36 7.98 7.23
C GLU A 341 15.68 8.28 5.75
N CYS A 342 14.75 8.94 5.05
CA CYS A 342 14.95 9.28 3.64
C CYS A 342 14.52 10.74 3.32
N PHE A 343 14.67 11.15 2.05
CA PHE A 343 14.37 12.47 1.50
C PHE A 343 13.11 13.14 2.05
N ASP A 344 13.30 14.31 2.75
CA ASP A 344 12.29 15.13 3.45
C ASP A 344 11.82 16.45 2.76
N LYS A 345 12.39 16.84 1.60
CA LYS A 345 12.03 18.13 0.98
C LYS A 345 10.88 18.11 -0.05
N PHE A 346 10.26 16.95 -0.36
CA PHE A 346 9.11 16.93 -1.28
C PHE A 346 7.84 16.60 -0.47
N LYS A 347 6.62 16.91 -1.02
CA LYS A 347 5.38 16.51 -0.31
C LYS A 347 5.33 14.97 -0.30
N VAL A 348 5.01 14.38 0.86
CA VAL A 348 5.04 12.92 1.01
C VAL A 348 3.72 12.22 0.64
N ASN A 349 3.85 11.15 -0.18
CA ASN A 349 2.80 10.22 -0.58
C ASN A 349 1.71 10.83 -1.45
N SER A 350 2.09 11.78 -2.30
CA SER A 350 1.15 12.36 -3.24
C SER A 350 1.40 11.66 -4.56
N THR A 351 0.80 10.47 -4.72
CA THR A 351 0.89 9.58 -5.87
C THR A 351 0.63 10.27 -7.23
N LEU A 352 -0.18 11.32 -7.23
CA LEU A 352 -0.56 11.99 -8.47
C LEU A 352 0.27 13.23 -8.85
N GLU A 353 1.39 13.51 -8.13
CA GLU A 353 2.27 14.63 -8.51
C GLU A 353 2.97 14.26 -9.84
N GLN A 354 3.32 15.25 -10.66
CA GLN A 354 4.00 15.01 -11.93
C GLN A 354 5.28 14.17 -11.81
N TYR A 355 6.02 14.34 -10.71
CA TYR A 355 7.26 13.65 -10.48
C TYR A 355 7.15 12.84 -9.22
N VAL A 356 7.21 11.52 -9.35
CA VAL A 356 7.08 10.64 -8.22
C VAL A 356 8.36 9.85 -8.02
N PHE A 357 8.94 9.97 -6.85
CA PHE A 357 10.17 9.28 -6.51
C PHE A 357 9.78 8.23 -5.48
N CYS A 358 10.10 6.96 -5.75
CA CYS A 358 9.64 5.86 -4.90
C CYS A 358 10.47 4.59 -5.12
N THR A 359 10.77 3.83 -4.03
CA THR A 359 11.48 2.56 -4.16
C THR A 359 10.57 1.51 -4.88
N VAL A 360 11.15 0.49 -5.53
CA VAL A 360 10.35 -0.54 -6.22
C VAL A 360 9.29 -1.19 -5.29
N ASN A 361 9.67 -1.62 -4.07
CA ASN A 361 8.77 -2.32 -3.10
C ASN A 361 7.60 -1.46 -2.61
N ALA A 362 7.66 -0.14 -2.79
CA ALA A 362 6.63 0.81 -2.34
C ALA A 362 5.81 1.44 -3.48
N LEU A 363 6.08 1.08 -4.74
CA LEU A 363 5.40 1.66 -5.87
C LEU A 363 3.91 1.47 -5.83
N PRO A 364 3.15 2.53 -6.11
CA PRO A 364 1.69 2.38 -6.19
C PRO A 364 1.26 1.87 -7.58
N GLU A 365 -0.03 1.53 -7.71
CA GLU A 365 -0.59 1.10 -8.98
C GLU A 365 -0.92 2.34 -9.75
N THR A 366 -0.06 2.72 -10.70
CA THR A 366 -0.23 3.95 -11.46
C THR A 366 0.29 3.84 -12.92
N THR A 367 0.09 4.89 -13.70
CA THR A 367 0.57 5.03 -15.07
C THR A 367 1.55 6.21 -15.14
N ALA A 368 2.31 6.31 -16.24
CA ALA A 368 3.29 7.39 -16.43
C ALA A 368 3.65 7.54 -17.90
N ASP A 369 4.15 8.72 -18.29
CA ASP A 369 4.63 8.91 -19.66
C ASP A 369 6.04 8.29 -19.78
N ILE A 370 6.86 8.44 -18.71
CA ILE A 370 8.17 7.82 -18.62
C ILE A 370 8.33 7.24 -17.22
N VAL A 371 8.92 6.06 -17.15
CA VAL A 371 9.36 5.47 -15.91
C VAL A 371 10.88 5.43 -16.03
N VAL A 372 11.60 6.00 -15.04
CA VAL A 372 13.06 5.93 -15.01
C VAL A 372 13.38 4.95 -13.89
N PHE A 373 14.07 3.85 -14.20
CA PHE A 373 14.47 2.85 -13.22
C PHE A 373 16.01 2.96 -13.14
N ASP A 374 16.52 3.51 -12.03
CA ASP A 374 17.94 3.77 -11.79
C ASP A 374 18.62 2.63 -10.99
N GLU A 375 19.99 2.64 -11.00
CA GLU A 375 20.89 1.70 -10.32
C GLU A 375 20.46 0.26 -10.70
N ILE A 376 20.35 0.04 -12.04
CA ILE A 376 19.82 -1.20 -12.62
C ILE A 376 20.68 -2.41 -12.31
N SER A 377 21.99 -2.27 -12.00
CA SER A 377 22.78 -3.45 -11.62
C SER A 377 22.27 -4.07 -10.29
N MET A 378 21.66 -3.24 -9.40
CA MET A 378 21.11 -3.71 -8.12
C MET A 378 19.73 -4.35 -8.23
N ALA A 379 19.07 -4.24 -9.38
CA ALA A 379 17.75 -4.84 -9.54
C ALA A 379 17.87 -6.35 -9.75
N THR A 380 16.85 -7.07 -9.33
CA THR A 380 16.70 -8.49 -9.60
C THR A 380 15.59 -8.60 -10.65
N ASN A 381 15.42 -9.77 -11.27
CA ASN A 381 14.30 -9.99 -12.18
C ASN A 381 12.96 -9.89 -11.47
N TYR A 382 12.92 -10.21 -10.15
CA TYR A 382 11.72 -10.07 -9.34
C TYR A 382 11.31 -8.57 -9.31
N ASP A 383 12.29 -7.66 -9.07
CA ASP A 383 12.09 -6.19 -9.10
C ASP A 383 11.65 -5.68 -10.50
N LEU A 384 12.32 -6.14 -11.58
CA LEU A 384 12.00 -5.76 -12.96
C LEU A 384 10.54 -6.09 -13.28
N SER A 385 10.08 -7.28 -12.85
CA SER A 385 8.72 -7.73 -13.05
C SER A 385 7.73 -6.87 -12.24
N VAL A 386 8.02 -6.61 -10.95
CA VAL A 386 7.19 -5.77 -10.08
C VAL A 386 7.00 -4.38 -10.68
N VAL A 387 8.08 -3.78 -11.21
CA VAL A 387 7.96 -2.47 -11.85
C VAL A 387 6.97 -2.52 -13.05
N ASN A 388 7.10 -3.53 -13.93
CA ASN A 388 6.19 -3.66 -15.06
C ASN A 388 4.72 -3.92 -14.64
N ALA A 389 4.53 -4.53 -13.46
CA ALA A 389 3.22 -4.86 -12.93
C ALA A 389 2.53 -3.69 -12.21
N ARG A 390 3.30 -2.79 -11.57
CA ARG A 390 2.70 -1.66 -10.86
C ARG A 390 2.63 -0.38 -11.73
N LEU A 391 3.54 -0.24 -12.69
CA LEU A 391 3.58 0.94 -13.54
C LEU A 391 3.32 0.65 -15.03
N ARG A 392 2.23 1.20 -15.59
CA ARG A 392 1.94 1.06 -17.02
C ARG A 392 2.38 2.37 -17.68
N ALA A 393 3.52 2.35 -18.41
CA ALA A 393 4.12 3.55 -19.00
C ALA A 393 4.24 3.55 -20.52
N LYS A 394 4.35 4.75 -21.12
CA LYS A 394 4.58 4.86 -22.56
C LYS A 394 6.04 4.49 -22.86
N HIS A 395 6.98 4.89 -21.95
CA HIS A 395 8.41 4.66 -22.07
C HIS A 395 9.04 4.25 -20.77
N TYR A 396 10.02 3.35 -20.85
CA TYR A 396 10.76 2.87 -19.68
C TYR A 396 12.24 3.10 -19.96
N VAL A 397 12.93 3.74 -19.02
CA VAL A 397 14.36 4.00 -19.17
C VAL A 397 15.10 3.30 -18.06
N TYR A 398 16.04 2.43 -18.40
CA TYR A 398 16.83 1.67 -17.43
C TYR A 398 18.19 2.26 -17.38
N ILE A 399 18.53 2.84 -16.24
CA ILE A 399 19.83 3.45 -16.03
C ILE A 399 20.66 2.69 -14.96
N GLY A 400 21.91 2.46 -15.30
CA GLY A 400 22.82 1.80 -14.37
C GLY A 400 24.13 1.46 -15.04
N ASP A 401 24.82 0.47 -14.48
CA ASP A 401 26.12 0.08 -15.00
C ASP A 401 26.38 -1.37 -14.65
N PRO A 402 26.45 -2.25 -15.67
CA PRO A 402 26.72 -3.67 -15.39
C PRO A 402 28.11 -3.92 -14.79
N ALA A 403 29.03 -2.95 -14.86
CA ALA A 403 30.36 -2.99 -14.24
C ALA A 403 30.33 -2.56 -12.74
N GLN A 404 29.13 -2.25 -12.20
CA GLN A 404 28.97 -1.94 -10.80
C GLN A 404 28.37 -3.15 -10.05
N LEU A 405 28.10 -3.01 -8.76
CA LEU A 405 27.64 -4.10 -7.92
C LEU A 405 26.20 -4.56 -8.11
N PRO A 406 25.98 -5.89 -8.06
CA PRO A 406 24.62 -6.42 -8.15
C PRO A 406 23.97 -6.56 -6.76
N ALA A 407 22.69 -6.95 -6.73
CA ALA A 407 22.01 -7.21 -5.47
C ALA A 407 22.66 -8.43 -4.80
N PRO A 408 22.76 -8.42 -3.46
CA PRO A 408 23.33 -9.59 -2.76
C PRO A 408 22.43 -10.80 -2.98
N ARG A 409 23.01 -11.93 -3.30
CA ARG A 409 22.25 -13.17 -3.49
C ARG A 409 22.64 -14.06 -2.34
N THR A 410 21.89 -13.94 -1.24
CA THR A 410 22.14 -14.62 0.02
C THR A 410 22.34 -16.13 -0.12
N LEU A 411 21.61 -16.83 -1.00
CA LEU A 411 21.76 -18.27 -1.14
C LEU A 411 22.97 -18.69 -1.95
N LEU A 412 23.45 -17.83 -2.85
CA LEU A 412 24.58 -18.15 -3.72
C LEU A 412 25.91 -18.23 -2.96
N THR A 413 26.54 -19.42 -2.97
CA THR A 413 27.82 -19.69 -2.32
C THR A 413 28.85 -20.31 -3.25
N LYS A 414 28.42 -20.94 -4.35
CA LYS A 414 29.34 -21.60 -5.27
C LYS A 414 29.39 -20.93 -6.64
N GLY A 415 30.52 -20.36 -6.97
CA GLY A 415 30.71 -19.69 -8.25
C GLY A 415 30.42 -18.22 -8.16
N THR A 416 30.86 -17.51 -9.18
CA THR A 416 30.66 -16.08 -9.25
C THR A 416 29.59 -15.75 -10.28
N LEU A 417 28.73 -14.81 -9.93
CA LEU A 417 27.70 -14.35 -10.85
C LEU A 417 28.22 -13.22 -11.75
N GLU A 418 28.42 -13.47 -13.05
CA GLU A 418 28.89 -12.48 -14.01
C GLU A 418 27.80 -11.40 -14.33
N PRO A 419 28.23 -10.17 -14.69
CA PRO A 419 27.28 -9.07 -15.00
C PRO A 419 26.14 -9.35 -15.99
N GLU A 420 26.43 -10.13 -17.05
CA GLU A 420 25.39 -10.52 -17.99
C GLU A 420 24.27 -11.40 -17.37
N TYR A 421 24.40 -11.76 -16.11
CA TYR A 421 23.41 -12.58 -15.43
C TYR A 421 22.77 -11.86 -14.22
N PHE A 422 23.01 -10.54 -14.02
CA PHE A 422 22.46 -9.81 -12.88
C PHE A 422 20.95 -9.72 -13.01
N ASN A 423 20.48 -9.39 -14.19
CA ASN A 423 19.05 -9.27 -14.48
C ASN A 423 18.90 -9.17 -16.02
N SER A 424 17.64 -9.11 -16.53
CA SER A 424 17.40 -9.04 -17.97
C SER A 424 18.02 -7.80 -18.62
N VAL A 425 17.96 -6.65 -17.92
CA VAL A 425 18.51 -5.41 -18.44
C VAL A 425 20.03 -5.52 -18.60
N CYS A 426 20.72 -6.02 -17.54
CA CYS A 426 22.18 -6.20 -17.59
C CYS A 426 22.59 -7.21 -18.63
N ARG A 427 21.76 -8.26 -18.83
CA ARG A 427 22.02 -9.25 -19.85
C ARG A 427 22.04 -8.57 -21.24
N LEU A 428 21.02 -7.74 -21.54
CA LEU A 428 20.97 -6.99 -22.79
C LEU A 428 22.21 -6.10 -22.94
N MET A 429 22.54 -5.27 -21.90
CA MET A 429 23.71 -4.39 -21.93
C MET A 429 25.05 -5.10 -22.19
N LYS A 430 25.20 -6.33 -21.70
CA LYS A 430 26.43 -7.07 -21.87
C LYS A 430 26.47 -7.89 -23.17
N THR A 431 25.30 -8.19 -23.75
CA THR A 431 25.22 -9.00 -24.98
C THR A 431 25.11 -8.09 -26.24
N ILE A 432 23.98 -7.38 -26.40
CA ILE A 432 23.75 -6.50 -27.54
C ILE A 432 24.30 -5.07 -27.36
N GLY A 433 24.75 -4.74 -26.14
CA GLY A 433 25.23 -3.40 -25.82
C GLY A 433 24.09 -2.52 -25.32
N PRO A 434 24.43 -1.49 -24.56
CA PRO A 434 23.37 -0.57 -24.10
C PRO A 434 22.93 0.35 -25.25
N ASP A 435 21.69 0.87 -25.17
CA ASP A 435 21.24 1.81 -26.21
C ASP A 435 22.04 3.11 -26.13
N MET A 436 22.34 3.55 -24.90
CA MET A 436 23.09 4.78 -24.70
C MET A 436 24.24 4.52 -23.71
N PHE A 437 25.40 5.13 -23.95
CA PHE A 437 26.58 4.99 -23.08
C PHE A 437 27.15 6.37 -22.74
N LEU A 438 27.25 6.71 -21.43
CA LEU A 438 27.86 7.99 -21.05
C LEU A 438 29.38 7.71 -20.92
N GLY A 439 30.14 8.13 -21.91
CA GLY A 439 31.56 7.81 -21.98
C GLY A 439 32.57 8.75 -21.37
N THR A 440 32.13 9.82 -20.67
CA THR A 440 33.08 10.74 -20.05
C THR A 440 32.87 10.85 -18.54
N CYS A 441 33.87 10.41 -17.77
CA CYS A 441 33.82 10.49 -16.31
C CYS A 441 34.29 11.88 -15.86
N ARG A 442 33.43 12.62 -15.18
CA ARG A 442 33.75 13.96 -14.70
C ARG A 442 34.18 13.99 -13.24
N ARG A 443 34.03 12.88 -12.51
CA ARG A 443 34.33 12.81 -11.08
C ARG A 443 35.77 12.55 -10.75
N CYS A 444 36.35 11.52 -11.36
CA CYS A 444 37.62 10.97 -10.90
C CYS A 444 38.86 11.57 -11.50
N PRO A 445 39.96 11.63 -10.70
CA PRO A 445 41.27 11.96 -11.27
C PRO A 445 41.61 10.97 -12.40
N ALA A 446 42.31 11.40 -13.46
CA ALA A 446 42.58 10.51 -14.60
C ALA A 446 43.20 9.15 -14.25
N GLU A 447 44.06 9.04 -13.21
CA GLU A 447 44.67 7.76 -12.77
C GLU A 447 43.60 6.68 -12.54
N ILE A 448 42.52 7.04 -11.82
CA ILE A 448 41.39 6.19 -11.53
C ILE A 448 40.60 5.89 -12.82
N VAL A 449 40.30 6.92 -13.62
CA VAL A 449 39.54 6.73 -14.85
C VAL A 449 40.27 5.77 -15.81
N ASP A 450 41.58 5.95 -15.99
CA ASP A 450 42.39 5.11 -16.89
C ASP A 450 42.40 3.66 -16.41
N THR A 451 42.49 3.45 -15.09
CA THR A 451 42.48 2.12 -14.47
C THR A 451 41.17 1.34 -14.73
N VAL A 452 40.00 1.92 -14.36
CA VAL A 452 38.70 1.26 -14.53
C VAL A 452 38.29 1.18 -16.01
N SER A 453 38.68 2.16 -16.84
CA SER A 453 38.41 2.13 -18.28
C SER A 453 39.02 0.87 -18.89
N ALA A 454 40.28 0.57 -18.55
CA ALA A 454 40.95 -0.65 -19.03
C ALA A 454 40.39 -1.94 -18.36
N LEU A 455 40.06 -1.87 -17.06
CA LEU A 455 39.58 -3.00 -16.28
C LEU A 455 38.18 -3.52 -16.66
N VAL A 456 37.16 -2.63 -16.75
CA VAL A 456 35.78 -3.09 -16.97
C VAL A 456 35.03 -2.41 -18.14
N TYR A 457 35.60 -1.37 -18.75
CA TYR A 457 34.88 -0.64 -19.82
C TYR A 457 35.50 -0.76 -21.22
N ASP A 458 36.34 -1.77 -21.51
CA ASP A 458 37.00 -1.97 -22.79
C ASP A 458 37.66 -0.70 -23.36
N ASN A 459 38.26 0.12 -22.49
CA ASN A 459 38.95 1.36 -22.83
C ASN A 459 38.04 2.42 -23.46
N LYS A 460 36.72 2.36 -23.17
CA LYS A 460 35.72 3.32 -23.71
C LYS A 460 35.40 4.47 -22.74
N LEU A 461 35.80 4.34 -21.45
CA LEU A 461 35.57 5.42 -20.51
C LEU A 461 36.73 6.42 -20.66
N LYS A 462 36.39 7.72 -20.79
CA LYS A 462 37.42 8.76 -20.92
C LYS A 462 37.42 9.70 -19.70
N ALA A 463 38.59 10.23 -19.33
CA ALA A 463 38.70 11.12 -18.17
C ALA A 463 38.51 12.55 -18.57
N HIS A 464 37.67 13.27 -17.84
CA HIS A 464 37.49 14.68 -18.02
C HIS A 464 38.62 15.35 -17.19
N LYS A 465 38.74 15.02 -15.90
CA LYS A 465 39.77 15.58 -15.06
C LYS A 465 41.14 15.14 -15.48
N ASP A 466 42.14 15.94 -15.12
CA ASP A 466 43.56 15.64 -15.31
C ASP A 466 43.94 14.59 -14.22
N LYS A 467 45.17 14.05 -14.28
CA LYS A 467 45.70 13.22 -13.19
C LYS A 467 45.85 14.15 -11.97
N SER A 468 45.35 13.72 -10.81
CA SER A 468 45.43 14.52 -9.60
C SER A 468 46.81 14.45 -8.93
N ALA A 469 47.61 13.40 -9.24
CA ALA A 469 48.90 13.08 -8.59
C ALA A 469 48.73 12.82 -7.09
N GLN A 470 47.48 12.48 -6.67
CA GLN A 470 47.12 12.13 -5.32
C GLN A 470 46.49 10.72 -5.27
N CYS A 471 46.84 9.83 -6.22
CA CYS A 471 46.33 8.47 -6.27
C CYS A 471 47.49 7.54 -6.01
N PHE A 472 47.46 6.87 -4.86
CA PHE A 472 48.56 6.03 -4.40
C PHE A 472 48.17 4.59 -4.18
N LYS A 473 49.14 3.70 -4.36
CA LYS A 473 48.94 2.28 -4.15
C LYS A 473 50.10 1.72 -3.32
N MET A 474 49.80 0.74 -2.47
CA MET A 474 50.81 0.11 -1.67
C MET A 474 50.49 -1.34 -1.59
N PHE A 475 51.46 -2.17 -1.89
CA PHE A 475 51.29 -3.60 -1.87
C PHE A 475 51.70 -4.07 -0.46
N TYR A 476 50.71 -4.43 0.35
CA TYR A 476 50.98 -4.82 1.74
C TYR A 476 50.00 -5.92 2.20
N LYS A 477 50.45 -7.19 2.20
CA LYS A 477 49.55 -8.30 2.56
C LYS A 477 49.09 -8.23 4.04
N GLY A 478 49.93 -7.71 4.93
CA GLY A 478 49.53 -7.58 6.34
C GLY A 478 49.24 -8.93 7.00
N VAL A 479 48.22 -8.96 7.88
CA VAL A 479 47.83 -10.16 8.61
C VAL A 479 46.31 -10.21 8.63
N ILE A 480 45.74 -11.33 8.16
CA ILE A 480 44.29 -11.45 8.09
C ILE A 480 43.72 -12.20 9.26
N THR A 481 42.85 -11.54 9.98
CA THR A 481 42.13 -12.12 11.08
C THR A 481 40.64 -12.16 10.69
N HIS A 482 39.81 -12.87 11.45
CA HIS A 482 38.39 -13.00 11.11
C HIS A 482 37.47 -12.88 12.31
N ASP A 483 36.39 -12.10 12.14
CA ASP A 483 35.27 -11.91 13.07
C ASP A 483 34.20 -12.82 12.44
N VAL A 484 34.30 -14.11 12.77
CA VAL A 484 33.46 -15.19 12.23
C VAL A 484 34.03 -15.54 10.83
N SER A 485 33.64 -14.78 9.80
CA SER A 485 34.05 -14.91 8.41
C SER A 485 34.42 -13.53 7.81
N SER A 486 33.85 -12.44 8.40
CA SER A 486 34.14 -11.07 8.03
C SER A 486 35.59 -10.82 8.47
N ALA A 487 36.40 -10.29 7.56
CA ALA A 487 37.83 -10.17 7.72
C ALA A 487 38.32 -8.83 8.26
N ILE A 488 39.46 -8.86 8.91
CA ILE A 488 40.13 -7.71 9.48
C ILE A 488 41.62 -7.83 9.11
N ASN A 489 42.26 -6.71 8.77
CA ASN A 489 43.68 -6.64 8.51
C ASN A 489 44.20 -5.43 9.28
N ARG A 490 44.54 -5.64 10.56
CA ARG A 490 45.07 -4.61 11.44
C ARG A 490 46.36 -3.98 10.91
N PRO A 491 47.36 -4.76 10.39
CA PRO A 491 48.55 -4.12 9.82
C PRO A 491 48.28 -3.17 8.63
N GLN A 492 47.24 -3.46 7.82
CA GLN A 492 46.86 -2.57 6.72
C GLN A 492 46.31 -1.26 7.27
N ILE A 493 45.53 -1.33 8.39
CA ILE A 493 45.04 -0.14 9.09
C ILE A 493 46.22 0.65 9.72
N GLY A 494 47.21 -0.06 10.23
CA GLY A 494 48.41 0.53 10.80
C GLY A 494 49.20 1.30 9.75
N VAL A 495 49.33 0.72 8.57
CA VAL A 495 50.01 1.40 7.44
C VAL A 495 49.27 2.76 7.10
N VAL A 496 47.92 2.78 7.14
CA VAL A 496 47.07 3.93 6.91
C VAL A 496 47.29 5.00 7.97
N ARG A 497 47.39 4.58 9.23
CA ARG A 497 47.62 5.48 10.34
C ARG A 497 49.00 6.20 10.18
N GLU A 498 50.03 5.46 9.71
CA GLU A 498 51.37 5.98 9.44
C GLU A 498 51.35 7.00 8.29
N PHE A 499 50.56 6.69 7.26
CA PHE A 499 50.35 7.54 6.11
C PHE A 499 49.64 8.85 6.51
N LEU A 500 48.61 8.76 7.38
CA LEU A 500 47.86 9.91 7.81
C LEU A 500 48.66 10.95 8.55
N THR A 501 49.61 10.50 9.38
CA THR A 501 50.47 11.42 10.12
C THR A 501 51.35 12.24 9.15
N ARG A 502 51.79 11.62 8.04
CA ARG A 502 52.63 12.28 7.04
C ARG A 502 51.83 13.03 5.95
N ASN A 503 50.51 12.78 5.87
CA ASN A 503 49.62 13.34 4.86
C ASN A 503 48.35 13.85 5.51
N PRO A 504 48.49 14.87 6.39
CA PRO A 504 47.34 15.39 7.14
C PRO A 504 46.15 15.88 6.33
N ALA A 505 46.33 16.29 5.05
CA ALA A 505 45.15 16.67 4.22
C ALA A 505 44.14 15.49 4.13
N TRP A 506 44.68 14.25 4.15
CA TRP A 506 43.92 13.00 4.09
C TRP A 506 43.07 12.73 5.33
N ARG A 507 43.16 13.62 6.36
CA ARG A 507 42.38 13.61 7.60
C ARG A 507 40.90 13.57 7.30
N LYS A 508 40.47 14.13 6.15
CA LYS A 508 39.08 14.22 5.74
C LYS A 508 38.64 13.04 4.81
N ALA A 509 39.52 12.02 4.61
CA ALA A 509 39.22 10.86 3.75
C ALA A 509 38.17 9.96 4.35
N VAL A 510 37.44 9.26 3.47
CA VAL A 510 36.50 8.24 3.84
C VAL A 510 37.23 6.93 3.73
N PHE A 511 37.20 6.12 4.80
CA PHE A 511 37.80 4.79 4.85
C PHE A 511 36.83 3.77 4.20
N ILE A 512 37.31 3.05 3.19
CA ILE A 512 36.53 2.03 2.49
C ILE A 512 37.29 0.70 2.47
N SER A 513 36.55 -0.40 2.67
CA SER A 513 37.10 -1.75 2.59
C SER A 513 35.96 -2.71 2.18
N PRO A 514 36.29 -3.93 1.71
CA PRO A 514 35.22 -4.88 1.36
C PRO A 514 34.53 -5.52 2.58
N TYR A 515 34.97 -5.22 3.84
CA TYR A 515 34.43 -5.88 5.05
C TYR A 515 33.95 -4.93 6.15
N ASN A 516 32.78 -5.23 6.72
CA ASN A 516 32.25 -4.42 7.83
C ASN A 516 33.19 -4.48 9.07
N SER A 517 33.78 -5.65 9.37
CA SER A 517 34.64 -5.77 10.55
C SER A 517 35.94 -5.02 10.37
N GLN A 518 36.50 -5.00 9.16
CA GLN A 518 37.69 -4.19 8.88
C GLN A 518 37.38 -2.69 9.15
N ASN A 519 36.21 -2.22 8.69
CA ASN A 519 35.70 -0.86 8.85
C ASN A 519 35.51 -0.49 10.31
N ALA A 520 34.97 -1.42 11.13
CA ALA A 520 34.74 -1.23 12.57
C ALA A 520 36.07 -1.00 13.29
N VAL A 521 37.09 -1.81 12.94
CA VAL A 521 38.43 -1.65 13.51
C VAL A 521 39.06 -0.30 13.05
N ALA A 522 39.00 0.01 11.74
CA ALA A 522 39.53 1.28 11.23
C ALA A 522 38.81 2.51 11.82
N SER A 523 37.52 2.40 12.15
CA SER A 523 36.77 3.52 12.71
C SER A 523 37.31 3.91 14.09
N LYS A 524 37.62 2.91 14.91
CA LYS A 524 38.17 3.11 16.23
C LYS A 524 39.66 3.53 16.19
N ILE A 525 40.46 2.93 15.32
CA ILE A 525 41.90 3.25 15.22
C ILE A 525 42.19 4.57 14.47
N LEU A 526 41.51 4.83 13.36
CA LEU A 526 41.74 6.02 12.53
C LEU A 526 40.78 7.16 12.80
N GLY A 527 39.56 6.84 13.20
CA GLY A 527 38.53 7.82 13.43
C GLY A 527 37.90 8.37 12.17
N LEU A 528 38.29 7.84 10.98
CA LEU A 528 37.72 8.28 9.69
C LEU A 528 36.30 7.74 9.57
N PRO A 529 35.39 8.45 8.85
CA PRO A 529 34.08 7.83 8.55
C PRO A 529 34.33 6.63 7.63
N THR A 530 33.50 5.63 7.81
CA THR A 530 33.69 4.33 7.23
C THR A 530 32.50 3.94 6.31
N GLN A 531 32.80 3.12 5.30
CA GLN A 531 31.83 2.69 4.31
C GLN A 531 32.32 1.38 3.68
N THR A 532 31.45 0.36 3.51
CA THR A 532 31.86 -0.85 2.78
C THR A 532 31.81 -0.45 1.32
N VAL A 533 32.50 -1.20 0.44
CA VAL A 533 32.43 -0.91 -1.00
C VAL A 533 30.96 -0.87 -1.50
N ASP A 534 30.17 -1.86 -1.04
CA ASP A 534 28.77 -2.04 -1.41
C ASP A 534 27.90 -0.88 -0.93
N SER A 535 28.12 -0.33 0.27
CA SER A 535 27.33 0.83 0.73
C SER A 535 27.83 2.17 0.14
N SER A 536 29.05 2.20 -0.42
CA SER A 536 29.61 3.41 -1.03
C SER A 536 29.08 3.68 -2.44
N GLN A 537 28.48 2.66 -3.10
CA GLN A 537 27.94 2.73 -4.47
C GLN A 537 26.96 3.89 -4.58
N GLY A 538 27.17 4.73 -5.61
CA GLY A 538 26.39 5.92 -5.87
C GLY A 538 26.87 7.17 -5.15
N SER A 539 27.81 7.03 -4.17
CA SER A 539 28.37 8.15 -3.39
C SER A 539 29.76 8.58 -3.88
N GLU A 540 30.18 9.81 -3.54
CA GLU A 540 31.49 10.30 -3.92
C GLU A 540 32.09 11.12 -2.82
N TYR A 541 33.40 11.06 -2.70
CA TYR A 541 34.17 11.70 -1.64
C TYR A 541 35.46 12.25 -2.25
N ASP A 542 35.97 13.38 -1.72
CA ASP A 542 37.21 13.98 -2.21
C ASP A 542 38.35 12.99 -2.08
N TYR A 543 38.49 12.40 -0.89
CA TYR A 543 39.56 11.45 -0.63
C TYR A 543 39.03 10.12 -0.10
N VAL A 544 39.59 9.03 -0.60
CA VAL A 544 39.19 7.70 -0.22
C VAL A 544 40.44 6.94 0.19
N ILE A 545 40.37 6.24 1.31
CA ILE A 545 41.43 5.34 1.72
C ILE A 545 40.82 3.95 1.65
N PHE A 546 41.37 3.09 0.78
CA PHE A 546 40.85 1.75 0.61
C PHE A 546 41.83 0.70 1.06
N THR A 547 41.45 -0.19 1.96
CA THR A 547 42.31 -1.35 2.33
C THR A 547 41.62 -2.60 1.72
N GLN A 548 42.31 -3.33 0.82
CA GLN A 548 41.73 -4.53 0.25
C GLN A 548 41.35 -5.61 1.29
N THR A 549 42.06 -5.64 2.44
CA THR A 549 41.87 -6.54 3.60
C THR A 549 42.36 -7.98 3.29
N THR A 550 41.76 -8.66 2.30
CA THR A 550 42.10 -10.03 1.90
C THR A 550 42.34 -10.15 0.38
N GLU A 551 42.72 -11.34 -0.09
CA GLU A 551 42.84 -11.70 -1.50
C GLU A 551 41.71 -12.72 -1.88
N THR A 552 40.55 -12.66 -1.23
CA THR A 552 39.42 -13.56 -1.54
C THR A 552 38.76 -13.20 -2.90
N ALA A 553 37.80 -14.01 -3.39
CA ALA A 553 37.03 -13.70 -4.60
C ALA A 553 36.17 -12.42 -4.37
N HIS A 554 35.68 -12.21 -3.12
CA HIS A 554 34.91 -11.04 -2.72
C HIS A 554 35.74 -9.73 -2.86
N SER A 555 36.93 -9.71 -2.25
CA SER A 555 37.75 -8.51 -2.29
C SER A 555 38.42 -8.30 -3.63
N CYS A 556 38.55 -9.37 -4.48
CA CYS A 556 39.14 -9.24 -5.81
C CYS A 556 38.12 -9.03 -6.89
N ASN A 557 36.81 -9.05 -6.60
CA ASN A 557 35.77 -8.88 -7.60
C ASN A 557 36.00 -7.57 -8.39
N VAL A 558 36.13 -7.65 -9.74
CA VAL A 558 36.46 -6.44 -10.49
C VAL A 558 35.34 -5.38 -10.41
N ASN A 559 34.06 -5.76 -10.27
CA ASN A 559 32.98 -4.78 -10.16
C ASN A 559 33.09 -4.03 -8.83
N ARG A 560 33.34 -4.78 -7.74
CA ARG A 560 33.53 -4.22 -6.41
C ARG A 560 34.78 -3.31 -6.42
N PHE A 561 35.85 -3.75 -7.09
CA PHE A 561 37.08 -2.98 -7.18
C PHE A 561 36.87 -1.62 -7.91
N ASN A 562 36.10 -1.68 -9.02
CA ASN A 562 35.65 -0.59 -9.85
C ASN A 562 34.88 0.43 -8.97
N VAL A 563 33.84 -0.03 -8.22
CA VAL A 563 33.07 0.85 -7.34
C VAL A 563 33.98 1.50 -6.28
N ALA A 564 34.84 0.72 -5.64
CA ALA A 564 35.71 1.21 -4.61
C ALA A 564 36.59 2.40 -5.03
N ILE A 565 37.30 2.27 -6.15
CA ILE A 565 38.24 3.30 -6.55
C ILE A 565 37.59 4.47 -7.30
N THR A 566 36.37 4.31 -7.84
CA THR A 566 35.66 5.41 -8.49
C THR A 566 34.82 6.25 -7.48
N ARG A 567 35.03 6.09 -6.17
CA ARG A 567 34.31 6.94 -5.19
C ARG A 567 35.06 8.31 -5.03
N ALA A 568 36.36 8.37 -5.39
CA ALA A 568 37.26 9.50 -5.25
C ALA A 568 37.21 10.59 -6.33
N LYS A 569 37.05 11.83 -5.87
CA LYS A 569 37.05 13.04 -6.71
C LYS A 569 38.48 13.61 -6.84
N VAL A 570 39.28 13.47 -5.78
CA VAL A 570 40.61 14.08 -5.76
C VAL A 570 41.75 13.08 -5.60
N GLY A 571 41.72 12.30 -4.52
CA GLY A 571 42.76 11.33 -4.25
C GLY A 571 42.26 10.04 -3.63
N ILE A 572 43.10 9.00 -3.77
CA ILE A 572 42.81 7.69 -3.22
C ILE A 572 44.11 7.03 -2.77
N LEU A 573 44.07 6.31 -1.66
CA LEU A 573 45.19 5.51 -1.20
C LEU A 573 44.65 4.09 -1.22
N CYS A 574 45.27 3.16 -1.97
CA CYS A 574 44.85 1.76 -2.03
C CYS A 574 45.88 0.87 -1.40
N ILE A 575 45.57 0.22 -0.27
CA ILE A 575 46.49 -0.71 0.36
C ILE A 575 45.97 -2.07 -0.14
N MET A 576 46.72 -2.69 -1.07
CA MET A 576 46.37 -3.91 -1.78
C MET A 576 46.97 -5.20 -1.23
N SER A 577 46.19 -6.25 -1.37
CA SER A 577 46.56 -7.61 -1.02
C SER A 577 46.89 -8.42 -2.29
N ASP A 578 46.14 -8.16 -3.39
CA ASP A 578 46.22 -8.87 -4.64
C ASP A 578 47.19 -8.25 -5.59
N ARG A 579 48.22 -9.01 -6.04
CA ARG A 579 49.24 -8.54 -6.96
C ARG A 579 48.67 -8.10 -8.29
N ASP A 580 47.69 -8.86 -8.79
CA ASP A 580 46.98 -8.62 -10.04
C ASP A 580 46.35 -7.18 -10.08
N LEU A 581 45.36 -6.92 -9.21
CA LEU A 581 44.72 -5.63 -9.13
C LEU A 581 45.70 -4.52 -8.76
N TYR A 582 46.72 -4.82 -7.91
CA TYR A 582 47.73 -3.81 -7.57
C TYR A 582 48.51 -3.38 -8.84
N ASP A 583 48.91 -4.36 -9.66
CA ASP A 583 49.66 -4.09 -10.88
C ASP A 583 48.81 -3.33 -11.91
N LYS A 584 47.49 -3.57 -11.91
CA LYS A 584 46.56 -2.89 -12.78
C LYS A 584 46.34 -1.42 -12.36
N LEU A 585 46.48 -1.07 -11.05
CA LEU A 585 46.31 0.31 -10.62
C LEU A 585 47.36 1.26 -11.26
N GLN A 586 46.87 2.28 -11.96
CA GLN A 586 47.77 3.26 -12.60
C GLN A 586 48.03 4.40 -11.63
N PHE A 587 48.53 4.05 -10.41
CA PHE A 587 48.79 4.97 -9.31
C PHE A 587 50.26 5.03 -9.02
N THR A 588 50.67 6.07 -8.30
CA THR A 588 52.03 6.21 -7.82
C THR A 588 52.18 5.20 -6.67
N SER A 589 53.19 4.32 -6.73
CA SER A 589 53.41 3.37 -5.66
C SER A 589 54.16 4.00 -4.46
N LEU A 590 53.77 3.63 -3.24
CA LEU A 590 54.42 4.10 -2.02
C LEU A 590 55.19 2.95 -1.34
N GLU A 591 56.16 3.29 -0.46
CA GLU A 591 56.93 2.30 0.31
C GLU A 591 56.77 2.49 1.84
N ILE A 592 56.93 1.37 2.61
CA ILE A 592 56.92 1.16 4.09
C ILE A 592 56.55 -0.30 4.40
N VAL B 2 -3.64 17.04 -19.95
CA VAL B 2 -4.86 16.89 -20.74
C VAL B 2 -5.74 15.75 -20.21
N GLY B 3 -7.06 15.94 -20.32
CA GLY B 3 -8.08 15.00 -19.86
C GLY B 3 -9.49 15.32 -20.32
N ALA B 4 -10.48 14.75 -19.65
CA ALA B 4 -11.91 14.89 -19.97
C ALA B 4 -12.72 15.84 -19.08
N CYS B 5 -13.55 16.66 -19.71
CA CYS B 5 -14.41 17.62 -19.01
C CYS B 5 -15.40 16.92 -18.09
N VAL B 6 -15.38 17.22 -16.80
CA VAL B 6 -16.30 16.60 -15.84
C VAL B 6 -17.79 16.98 -16.06
N LEU B 7 -18.12 17.79 -17.10
CA LEU B 7 -19.51 18.19 -17.34
C LEU B 7 -20.03 17.82 -18.74
N CYS B 8 -19.11 17.81 -19.72
CA CYS B 8 -19.31 17.57 -21.16
C CYS B 8 -18.64 16.34 -21.70
N ASN B 9 -17.58 15.92 -21.05
CA ASN B 9 -16.64 14.90 -21.47
C ASN B 9 -15.69 15.40 -22.57
N SER B 10 -15.96 16.61 -23.17
CA SER B 10 -15.14 17.22 -24.20
C SER B 10 -13.66 17.29 -23.77
N GLN B 11 -12.76 16.79 -24.61
CA GLN B 11 -11.33 16.75 -24.30
C GLN B 11 -10.79 18.17 -24.05
N THR B 12 -9.86 18.35 -23.09
CA THR B 12 -9.29 19.69 -22.83
C THR B 12 -7.94 19.69 -22.13
N SER B 13 -7.21 20.82 -22.31
CA SER B 13 -5.95 21.15 -21.65
C SER B 13 -6.20 22.01 -20.39
N LEU B 14 -7.46 22.26 -19.99
CA LEU B 14 -7.79 23.12 -18.84
C LEU B 14 -8.34 22.37 -17.63
N ARG B 15 -7.82 22.72 -16.45
CA ARG B 15 -8.24 22.27 -15.14
C ARG B 15 -8.50 23.53 -14.32
N CYS B 16 -9.51 23.50 -13.42
CA CYS B 16 -9.74 24.64 -12.56
C CYS B 16 -8.77 24.57 -11.41
N GLY B 17 -7.94 25.59 -11.25
CA GLY B 17 -6.94 25.67 -10.18
C GLY B 17 -7.52 26.06 -8.83
N ALA B 18 -8.72 26.70 -8.82
CA ALA B 18 -9.38 27.11 -7.57
C ALA B 18 -10.21 25.97 -6.95
N CYS B 19 -10.58 24.94 -7.78
CA CYS B 19 -11.27 23.75 -7.30
C CYS B 19 -10.23 22.91 -6.59
N ILE B 20 -10.56 22.41 -5.39
CA ILE B 20 -9.60 21.60 -4.63
C ILE B 20 -9.26 20.29 -5.35
N ARG B 21 -10.16 19.80 -6.21
CA ARG B 21 -9.90 18.59 -6.98
C ARG B 21 -9.30 18.84 -8.39
N ARG B 22 -9.19 20.13 -8.78
CA ARG B 22 -8.65 20.54 -10.07
C ARG B 22 -9.29 19.81 -11.27
N PRO B 23 -10.63 19.82 -11.39
CA PRO B 23 -11.26 19.07 -12.47
C PRO B 23 -11.00 19.62 -13.86
N PHE B 24 -10.87 18.70 -14.84
CA PHE B 24 -10.73 19.10 -16.24
C PHE B 24 -12.07 19.68 -16.67
N LEU B 25 -12.00 20.89 -17.23
CA LEU B 25 -13.13 21.65 -17.75
C LEU B 25 -12.76 22.06 -19.17
N CYS B 26 -13.72 21.89 -20.09
CA CYS B 26 -13.49 22.28 -21.47
C CYS B 26 -13.61 23.79 -21.63
N CYS B 27 -13.14 24.37 -22.75
CA CYS B 27 -13.21 25.82 -23.01
C CYS B 27 -14.58 26.43 -22.66
N LYS B 28 -15.66 25.74 -23.06
CA LYS B 28 -17.02 26.21 -22.83
C LYS B 28 -17.36 26.21 -21.34
N CYS B 29 -17.19 25.06 -20.66
CA CYS B 29 -17.55 24.87 -19.26
C CYS B 29 -16.64 25.60 -18.28
N CYS B 30 -15.33 25.71 -18.60
CA CYS B 30 -14.33 26.43 -17.81
C CYS B 30 -14.73 27.89 -17.75
N TYR B 31 -15.11 28.48 -18.90
CA TYR B 31 -15.58 29.86 -18.98
C TYR B 31 -16.83 30.04 -18.13
N ASP B 32 -17.88 29.21 -18.35
CA ASP B 32 -19.12 29.30 -17.60
C ASP B 32 -18.89 29.20 -16.09
N HIS B 33 -17.84 28.44 -15.64
CA HIS B 33 -17.47 28.27 -14.22
C HIS B 33 -16.75 29.50 -13.66
N VAL B 34 -15.67 29.99 -14.36
CA VAL B 34 -14.88 31.16 -13.93
C VAL B 34 -15.71 32.42 -13.92
N ILE B 35 -16.67 32.61 -14.86
CA ILE B 35 -17.48 33.84 -14.83
C ILE B 35 -18.60 33.83 -13.79
N SER B 36 -19.02 32.65 -13.35
CA SER B 36 -20.15 32.56 -12.40
C SER B 36 -19.75 32.33 -10.95
N THR B 37 -18.43 32.10 -10.67
CA THR B 37 -17.94 31.86 -9.32
C THR B 37 -16.69 32.74 -8.99
N SER B 38 -16.20 32.68 -7.74
CA SER B 38 -14.95 33.31 -7.35
C SER B 38 -13.73 32.54 -7.94
N HIS B 39 -13.95 31.37 -8.57
CA HIS B 39 -12.86 30.57 -9.08
C HIS B 39 -12.31 31.16 -10.36
N LYS B 40 -11.08 31.74 -10.32
CA LYS B 40 -10.49 32.35 -11.53
C LYS B 40 -9.14 31.75 -11.92
N LEU B 41 -8.53 30.90 -11.08
CA LEU B 41 -7.23 30.31 -11.48
C LEU B 41 -7.50 29.17 -12.42
N VAL B 42 -6.92 29.22 -13.63
CA VAL B 42 -7.04 28.16 -14.64
C VAL B 42 -5.67 27.54 -14.85
N LEU B 43 -5.58 26.19 -14.90
CA LEU B 43 -4.34 25.48 -15.10
C LEU B 43 -4.36 24.75 -16.43
N SER B 44 -3.27 24.83 -17.22
CA SER B 44 -3.14 24.11 -18.49
C SER B 44 -1.82 23.29 -18.40
N VAL B 45 -0.92 23.33 -19.42
CA VAL B 45 0.44 22.77 -19.31
C VAL B 45 1.15 23.64 -18.23
N ASN B 46 0.97 24.96 -18.35
CA ASN B 46 1.41 25.98 -17.41
C ASN B 46 0.16 26.61 -16.77
N PRO B 47 0.30 27.17 -15.56
CA PRO B 47 -0.85 27.86 -14.96
C PRO B 47 -1.06 29.21 -15.67
N TYR B 48 -2.31 29.64 -15.73
CA TYR B 48 -2.66 30.91 -16.36
C TYR B 48 -2.40 31.96 -15.33
N VAL B 49 -1.18 32.44 -15.40
CA VAL B 49 -0.67 33.43 -14.47
C VAL B 49 0.24 34.40 -15.25
N CYS B 50 0.31 35.68 -14.81
CA CYS B 50 1.15 36.63 -15.51
C CYS B 50 2.63 36.30 -15.31
N ASN B 51 3.29 35.99 -16.43
CA ASN B 51 4.69 35.62 -16.53
C ASN B 51 5.67 36.76 -16.22
N ALA B 52 5.20 38.01 -16.28
CA ALA B 52 6.03 39.18 -16.01
C ALA B 52 6.55 39.14 -14.59
N PRO B 53 7.86 39.37 -14.40
CA PRO B 53 8.44 39.29 -13.05
C PRO B 53 7.72 40.10 -11.98
N GLY B 54 7.52 39.49 -10.81
CA GLY B 54 6.89 40.11 -9.66
C GLY B 54 5.43 40.48 -9.82
N CYS B 55 4.75 39.92 -10.84
CA CYS B 55 3.33 40.21 -11.05
C CYS B 55 2.43 39.14 -10.45
N ASP B 56 1.43 39.58 -9.67
CA ASP B 56 0.51 38.66 -9.00
C ASP B 56 -0.84 38.45 -9.71
N VAL B 57 -0.95 38.78 -11.01
CA VAL B 57 -2.22 38.55 -11.72
C VAL B 57 -2.38 37.06 -12.07
N THR B 58 -3.37 36.41 -11.43
CA THR B 58 -3.70 34.98 -11.61
C THR B 58 -5.12 34.77 -12.19
N ASP B 59 -5.98 35.82 -12.19
CA ASP B 59 -7.36 35.77 -12.71
C ASP B 59 -7.34 35.64 -14.23
N VAL B 60 -7.91 34.53 -14.75
CA VAL B 60 -7.98 34.20 -16.18
C VAL B 60 -8.69 35.29 -17.03
N THR B 61 -9.68 35.98 -16.45
CA THR B 61 -10.46 37.02 -17.12
C THR B 61 -9.59 38.31 -17.34
N GLN B 62 -8.52 38.48 -16.53
CA GLN B 62 -7.59 39.60 -16.61
C GLN B 62 -6.28 39.22 -17.37
N LEU B 63 -6.20 38.01 -17.97
CA LEU B 63 -4.98 37.53 -18.64
C LEU B 63 -5.14 37.29 -20.14
N TYR B 64 -3.98 37.35 -20.87
CA TYR B 64 -3.82 37.27 -22.34
C TYR B 64 -2.64 36.40 -22.75
N LEU B 65 -2.67 35.83 -23.95
CA LEU B 65 -1.57 35.07 -24.52
C LEU B 65 -0.70 35.92 -25.48
N GLY B 66 0.52 36.21 -25.06
CA GLY B 66 1.50 36.96 -25.82
C GLY B 66 2.66 36.07 -26.24
N GLY B 67 2.56 35.53 -27.45
CA GLY B 67 3.56 34.59 -27.95
C GLY B 67 3.20 33.20 -27.47
N MET B 68 4.02 32.66 -26.57
CA MET B 68 3.73 31.37 -25.93
C MET B 68 3.59 31.47 -24.40
N SER B 69 3.69 32.70 -23.84
CA SER B 69 3.61 33.07 -22.44
C SER B 69 2.40 34.02 -22.14
N TYR B 70 1.86 33.95 -20.93
CA TYR B 70 0.66 34.64 -20.45
C TYR B 70 1.02 35.88 -19.67
N TYR B 71 0.28 36.97 -19.91
CA TYR B 71 0.48 38.26 -19.24
C TYR B 71 -0.85 38.91 -18.92
N CYS B 72 -0.88 39.81 -17.94
CA CYS B 72 -2.09 40.57 -17.62
C CYS B 72 -2.26 41.77 -18.65
N LYS B 73 -3.20 42.69 -18.37
CA LYS B 73 -3.43 43.85 -19.21
C LYS B 73 -2.22 44.83 -19.14
N SER B 74 -1.58 44.95 -17.95
CA SER B 74 -0.43 45.84 -17.73
C SER B 74 0.90 45.35 -18.30
N HIS B 75 0.98 44.05 -18.62
CA HIS B 75 2.24 43.48 -19.10
C HIS B 75 2.16 42.79 -20.45
N LYS B 76 0.97 42.71 -21.06
CA LYS B 76 0.84 42.01 -22.34
C LYS B 76 1.61 42.71 -23.47
N PRO B 77 2.16 41.93 -24.41
CA PRO B 77 2.80 42.56 -25.59
C PRO B 77 1.72 43.11 -26.57
N PRO B 78 2.08 43.98 -27.54
CA PRO B 78 1.05 44.50 -28.47
C PRO B 78 0.23 43.41 -29.15
N ILE B 79 0.92 42.32 -29.57
CA ILE B 79 0.27 41.18 -30.20
C ILE B 79 -0.06 40.12 -29.17
N SER B 80 -1.32 40.17 -28.69
CA SER B 80 -1.83 39.24 -27.68
C SER B 80 -3.36 39.05 -27.79
N PHE B 81 -3.87 37.85 -27.47
CA PHE B 81 -5.32 37.62 -27.48
C PHE B 81 -5.79 37.22 -26.08
N PRO B 82 -6.99 37.64 -25.66
CA PRO B 82 -7.44 37.32 -24.30
C PRO B 82 -7.59 35.81 -24.08
N LEU B 83 -7.10 35.28 -22.96
CA LEU B 83 -7.24 33.84 -22.66
C LEU B 83 -8.66 33.47 -22.32
N CYS B 84 -9.61 34.39 -22.31
CA CYS B 84 -10.94 34.13 -21.81
C CYS B 84 -11.94 35.16 -22.41
N ALA B 85 -12.52 34.81 -23.57
CA ALA B 85 -13.40 35.64 -24.38
C ALA B 85 -14.32 34.76 -25.26
N ASN B 86 -15.47 35.30 -25.76
CA ASN B 86 -16.40 34.55 -26.64
C ASN B 86 -17.02 33.30 -25.98
N GLY B 87 -17.20 33.31 -24.66
CA GLY B 87 -17.77 32.17 -23.96
C GLY B 87 -16.83 30.98 -23.79
N GLN B 88 -15.53 31.23 -23.96
CA GLN B 88 -14.52 30.21 -23.88
C GLN B 88 -13.22 30.67 -23.23
N VAL B 89 -12.48 29.71 -22.66
CA VAL B 89 -11.16 29.93 -22.10
C VAL B 89 -10.16 29.24 -23.07
N PHE B 90 -9.09 29.95 -23.46
CA PHE B 90 -8.07 29.46 -24.38
C PHE B 90 -7.33 28.19 -23.91
N GLY B 91 -7.13 27.24 -24.84
CA GLY B 91 -6.47 25.97 -24.59
C GLY B 91 -6.81 24.95 -25.66
N LEU B 92 -6.13 23.80 -25.67
CA LEU B 92 -6.36 22.74 -26.65
C LEU B 92 -7.81 22.28 -26.82
N TYR B 93 -8.13 21.76 -28.02
CA TYR B 93 -9.39 21.14 -28.42
C TYR B 93 -10.61 22.07 -28.33
N LYS B 94 -10.42 23.35 -28.74
CA LYS B 94 -11.45 24.41 -28.75
C LYS B 94 -12.56 24.17 -29.77
N ASN B 95 -12.28 23.39 -30.83
CA ASN B 95 -13.25 23.04 -31.86
C ASN B 95 -14.24 21.95 -31.40
N THR B 96 -13.78 21.05 -30.49
CA THR B 96 -14.59 19.98 -29.88
C THR B 96 -15.11 20.42 -28.47
N CYS B 97 -16.21 21.20 -28.44
CA CYS B 97 -16.85 21.68 -27.20
C CYS B 97 -18.37 21.56 -27.31
N VAL B 98 -19.04 21.28 -26.17
CA VAL B 98 -20.49 21.11 -26.20
C VAL B 98 -21.24 22.05 -25.22
N GLY B 99 -20.72 22.18 -23.99
CA GLY B 99 -21.29 23.04 -22.95
C GLY B 99 -22.38 22.38 -22.13
N SER B 100 -23.04 23.15 -21.26
CA SER B 100 -24.16 22.65 -20.47
C SER B 100 -25.19 23.76 -20.29
N ASP B 101 -26.49 23.44 -20.43
CA ASP B 101 -27.62 24.38 -20.33
C ASP B 101 -27.63 25.24 -19.03
N ASN B 102 -27.14 24.65 -17.90
CA ASN B 102 -27.02 25.27 -16.58
C ASN B 102 -25.92 24.57 -15.76
N VAL B 103 -24.70 25.14 -15.78
CA VAL B 103 -23.49 24.68 -15.06
C VAL B 103 -23.59 24.89 -13.51
N THR B 104 -24.82 25.13 -13.02
CA THR B 104 -25.23 25.55 -11.70
C THR B 104 -24.95 24.56 -10.60
N ASP B 105 -25.25 23.25 -10.80
CA ASP B 105 -25.00 22.21 -9.79
C ASP B 105 -23.50 21.99 -9.57
N PHE B 106 -22.68 22.06 -10.66
CA PHE B 106 -21.22 21.91 -10.57
C PHE B 106 -20.62 23.06 -9.74
N ASN B 107 -21.12 24.28 -9.92
CA ASN B 107 -20.62 25.48 -9.23
C ASN B 107 -20.87 25.34 -7.73
N ALA B 108 -22.07 24.85 -7.34
CA ALA B 108 -22.44 24.66 -5.94
C ALA B 108 -21.60 23.55 -5.26
N ILE B 109 -21.28 22.47 -5.98
CA ILE B 109 -20.44 21.40 -5.44
C ILE B 109 -19.01 21.90 -5.26
N ALA B 110 -18.50 22.60 -6.28
CA ALA B 110 -17.15 23.16 -6.34
C ALA B 110 -16.87 24.21 -5.29
N THR B 111 -17.89 24.98 -4.87
CA THR B 111 -17.70 26.10 -3.93
C THR B 111 -18.31 25.92 -2.51
N CYS B 112 -19.18 24.91 -2.28
CA CYS B 112 -19.79 24.68 -0.96
C CYS B 112 -18.77 24.23 0.09
N ASP B 113 -19.05 24.51 1.37
CA ASP B 113 -18.11 24.12 2.44
C ASP B 113 -18.42 22.75 3.08
N TRP B 114 -19.50 22.06 2.60
CA TRP B 114 -19.97 20.75 3.06
C TRP B 114 -20.46 20.77 4.51
N THR B 115 -20.89 21.94 5.02
CA THR B 115 -21.42 22.03 6.40
C THR B 115 -22.97 21.97 6.43
N ASN B 116 -23.63 22.10 5.27
CA ASN B 116 -25.09 22.06 5.20
C ASN B 116 -25.58 20.71 4.69
N ALA B 117 -26.78 20.29 5.10
CA ALA B 117 -27.35 19.02 4.66
C ALA B 117 -27.66 19.08 3.13
N GLY B 118 -28.09 20.26 2.65
CA GLY B 118 -28.38 20.51 1.24
C GLY B 118 -27.22 20.26 0.28
N ASP B 119 -25.96 20.31 0.81
CA ASP B 119 -24.73 20.02 0.07
C ASP B 119 -24.63 18.52 -0.25
N TYR B 120 -25.02 17.71 0.74
CA TYR B 120 -25.04 16.24 0.64
C TYR B 120 -26.24 15.80 -0.20
N ILE B 121 -27.38 16.51 -0.10
CA ILE B 121 -28.56 16.24 -0.90
C ILE B 121 -28.21 16.44 -2.38
N LEU B 122 -27.56 17.57 -2.72
CA LEU B 122 -27.14 17.85 -4.09
C LEU B 122 -26.16 16.78 -4.58
N ALA B 123 -25.12 16.42 -3.80
CA ALA B 123 -24.12 15.39 -4.19
C ALA B 123 -24.75 13.99 -4.51
N ASN B 124 -26.00 13.77 -4.08
CA ASN B 124 -26.66 12.51 -4.31
C ASN B 124 -27.82 12.64 -5.33
N THR B 125 -28.29 13.86 -5.63
CA THR B 125 -29.36 14.06 -6.62
C THR B 125 -28.81 14.57 -7.99
N CYS B 126 -27.52 14.92 -8.08
CA CYS B 126 -26.89 15.41 -9.31
C CYS B 126 -26.62 14.26 -10.29
N THR B 127 -26.10 14.57 -11.49
CA THR B 127 -25.79 13.54 -12.48
C THR B 127 -24.69 12.60 -11.98
N GLU B 128 -24.54 11.44 -12.60
CA GLU B 128 -23.57 10.46 -12.19
C GLU B 128 -22.14 11.00 -12.14
N ARG B 129 -21.69 11.72 -13.16
CA ARG B 129 -20.33 12.28 -13.14
C ARG B 129 -20.13 13.35 -12.04
N LEU B 130 -21.20 14.08 -11.72
CA LEU B 130 -21.15 15.07 -10.66
C LEU B 130 -21.20 14.43 -9.26
N LYS B 131 -21.71 13.18 -9.14
CA LYS B 131 -21.69 12.41 -7.90
C LYS B 131 -20.23 12.07 -7.58
N LEU B 132 -19.39 11.75 -8.61
CA LEU B 132 -17.97 11.42 -8.40
C LEU B 132 -17.17 12.67 -8.05
N PHE B 133 -17.44 13.80 -8.73
CA PHE B 133 -16.80 15.07 -8.45
C PHE B 133 -17.17 15.51 -7.03
N ALA B 134 -18.47 15.44 -6.65
CA ALA B 134 -18.92 15.80 -5.29
C ALA B 134 -18.28 14.88 -4.22
N ALA B 135 -18.18 13.54 -4.50
CA ALA B 135 -17.59 12.58 -3.58
C ALA B 135 -16.10 12.84 -3.36
N GLU B 136 -15.35 13.10 -4.43
CA GLU B 136 -13.94 13.44 -4.31
C GLU B 136 -13.76 14.78 -3.56
N THR B 137 -14.57 15.79 -3.92
CA THR B 137 -14.44 17.14 -3.36
C THR B 137 -14.72 17.12 -1.87
N LEU B 138 -15.75 16.38 -1.47
CA LEU B 138 -16.12 16.23 -0.07
C LEU B 138 -15.01 15.51 0.67
N LYS B 139 -14.48 14.39 0.13
CA LYS B 139 -13.44 13.64 0.79
C LYS B 139 -12.15 14.40 0.95
N ALA B 140 -11.77 15.15 -0.08
CA ALA B 140 -10.58 15.98 0.00
C ALA B 140 -10.82 17.10 1.01
N THR B 141 -12.03 17.70 1.04
CA THR B 141 -12.36 18.76 2.01
C THR B 141 -12.27 18.23 3.46
N GLU B 142 -12.78 17.00 3.69
CA GLU B 142 -12.74 16.32 4.99
C GLU B 142 -11.30 16.01 5.45
N GLU B 143 -10.37 15.56 4.54
CA GLU B 143 -8.97 15.18 4.84
C GLU B 143 -8.13 16.41 5.18
N THR B 144 -8.34 17.50 4.42
CA THR B 144 -7.70 18.79 4.60
C THR B 144 -8.16 19.45 5.92
N PHE B 145 -9.43 19.24 6.28
CA PHE B 145 -9.96 19.71 7.54
C PHE B 145 -9.25 19.00 8.75
N LYS B 146 -8.80 17.75 8.60
CA LYS B 146 -8.07 17.06 9.66
C LYS B 146 -6.74 17.71 9.98
N LEU B 147 -6.14 18.43 9.01
CA LEU B 147 -4.90 19.18 9.16
C LEU B 147 -5.12 20.50 9.91
N SER B 148 -6.38 21.03 9.92
CA SER B 148 -6.76 22.26 10.62
C SER B 148 -6.58 22.12 12.13
N TYR B 149 -6.67 20.89 12.64
CA TYR B 149 -6.48 20.56 14.03
C TYR B 149 -5.00 20.65 14.46
N GLY B 150 -4.82 21.13 15.69
CA GLY B 150 -3.50 21.24 16.27
C GLY B 150 -2.96 19.91 16.78
N ILE B 151 -1.62 19.78 16.82
CA ILE B 151 -0.87 18.62 17.30
C ILE B 151 -0.98 18.48 18.82
N ALA B 152 -1.29 17.26 19.33
CA ALA B 152 -1.35 17.02 20.77
C ALA B 152 -0.01 16.41 21.20
N THR B 153 0.59 16.87 22.31
CA THR B 153 1.89 16.39 22.74
C THR B 153 1.81 15.89 24.16
N VAL B 154 2.43 14.72 24.45
CA VAL B 154 2.49 14.16 25.81
C VAL B 154 3.37 15.11 26.64
N ARG B 155 2.76 15.70 27.67
CA ARG B 155 3.42 16.63 28.58
C ARG B 155 3.92 15.86 29.84
N GLU B 156 3.17 14.81 30.25
CA GLU B 156 3.50 14.04 31.43
C GLU B 156 2.69 12.76 31.38
N VAL B 157 3.37 11.61 31.38
CA VAL B 157 2.66 10.33 31.42
C VAL B 157 2.19 10.16 32.86
N LEU B 158 0.94 10.57 33.15
CA LEU B 158 0.37 10.55 34.50
C LEU B 158 0.41 9.18 35.15
N SER B 159 0.01 8.17 34.38
CA SER B 159 -0.03 6.76 34.78
C SER B 159 -0.23 5.95 33.47
N ASP B 160 -0.67 4.69 33.59
CA ASP B 160 -0.99 3.91 32.40
C ASP B 160 -2.44 4.22 32.02
N ARG B 161 -2.75 4.15 30.72
CA ARG B 161 -4.07 4.48 30.20
C ARG B 161 -4.45 5.96 30.38
N GLU B 162 -3.58 6.81 30.99
CA GLU B 162 -3.87 8.23 31.18
C GLU B 162 -2.66 9.17 30.92
N LEU B 163 -2.90 10.27 30.15
CA LEU B 163 -1.89 11.27 29.74
C LEU B 163 -2.24 12.72 30.08
N HIS B 164 -1.23 13.58 30.12
CA HIS B 164 -1.41 15.01 30.30
C HIS B 164 -1.04 15.58 28.93
N LEU B 165 -2.03 16.01 28.10
CA LEU B 165 -1.72 16.52 26.77
C LEU B 165 -1.50 18.04 26.69
N SER B 166 -0.56 18.44 25.84
CA SER B 166 -0.17 19.82 25.54
C SER B 166 -0.59 20.12 24.08
N TRP B 167 -1.53 21.05 23.87
CA TRP B 167 -2.05 21.33 22.53
C TRP B 167 -1.41 22.49 21.81
N GLU B 168 -1.37 22.40 20.46
CA GLU B 168 -0.79 23.42 19.60
C GLU B 168 -1.59 24.73 19.68
N VAL B 169 -0.88 25.85 19.81
CA VAL B 169 -1.47 27.20 19.90
C VAL B 169 -1.92 27.66 18.50
N GLY B 170 -3.08 28.32 18.43
CA GLY B 170 -3.59 28.85 17.16
C GLY B 170 -4.49 27.92 16.38
N LYS B 171 -4.32 26.59 16.54
CA LYS B 171 -5.13 25.63 15.81
C LYS B 171 -6.15 24.98 16.76
N PRO B 172 -7.42 24.82 16.32
CA PRO B 172 -8.43 24.20 17.21
C PRO B 172 -8.09 22.77 17.65
N ARG B 173 -8.81 22.26 18.67
CA ARG B 173 -8.59 20.89 19.15
C ARG B 173 -9.72 19.94 18.70
N PRO B 174 -9.33 18.81 18.06
CA PRO B 174 -10.34 17.85 17.59
C PRO B 174 -11.15 17.25 18.72
N PRO B 175 -12.45 16.95 18.47
CA PRO B 175 -13.26 16.29 19.51
C PRO B 175 -12.60 15.00 19.99
N LEU B 176 -12.74 14.70 21.29
CA LEU B 176 -12.11 13.52 21.85
C LEU B 176 -13.07 12.38 22.05
N ASN B 177 -13.30 11.59 20.99
CA ASN B 177 -14.15 10.39 20.96
C ASN B 177 -13.65 9.36 19.92
N ARG B 178 -14.22 8.13 19.91
CA ARG B 178 -13.81 7.02 19.04
C ARG B 178 -13.83 7.36 17.54
N ASN B 179 -14.56 8.44 17.15
CA ASN B 179 -14.59 8.91 15.76
C ASN B 179 -13.28 9.63 15.34
N TYR B 180 -12.35 9.84 16.28
CA TYR B 180 -11.11 10.54 16.02
C TYR B 180 -9.92 9.66 16.38
N VAL B 181 -9.33 9.02 15.36
CA VAL B 181 -8.20 8.11 15.56
C VAL B 181 -6.86 8.81 15.23
N PHE B 182 -6.04 9.03 16.26
CA PHE B 182 -4.73 9.69 16.27
C PHE B 182 -3.61 8.76 15.94
N THR B 183 -2.41 9.27 15.77
CA THR B 183 -1.25 8.45 15.49
C THR B 183 -0.11 9.00 16.26
N GLY B 184 0.46 8.19 17.13
CA GLY B 184 1.59 8.60 17.93
C GLY B 184 2.86 8.67 17.11
N TYR B 185 3.82 9.46 17.58
CA TYR B 185 5.11 9.65 16.93
C TYR B 185 6.19 9.90 17.98
N ARG B 186 7.41 9.35 17.78
CA ARG B 186 8.54 9.60 18.70
C ARG B 186 9.54 10.55 18.01
N VAL B 187 10.01 11.59 18.71
CA VAL B 187 10.92 12.57 18.09
C VAL B 187 12.29 11.95 17.82
N THR B 188 12.52 11.41 16.59
CA THR B 188 13.82 10.81 16.24
C THR B 188 14.92 11.88 15.98
N LYS B 189 16.19 11.45 15.77
CA LYS B 189 17.33 12.31 15.51
C LYS B 189 17.01 13.49 14.55
N ASN B 190 16.49 13.19 13.35
CA ASN B 190 16.12 14.24 12.39
C ASN B 190 14.76 14.00 11.68
N SER B 191 13.87 13.18 12.27
CA SER B 191 12.53 12.95 11.73
C SER B 191 11.56 12.36 12.80
N LYS B 192 10.39 11.81 12.41
CA LYS B 192 9.40 11.25 13.32
C LYS B 192 9.12 9.76 13.02
N VAL B 193 9.02 8.91 14.07
CA VAL B 193 8.73 7.49 13.85
C VAL B 193 7.33 7.12 14.37
N GLN B 194 6.48 6.51 13.51
CA GLN B 194 5.12 6.09 13.86
C GLN B 194 5.13 5.16 15.08
N ILE B 195 4.22 5.39 16.01
CA ILE B 195 4.15 4.61 17.24
C ILE B 195 2.72 4.01 17.46
N GLY B 196 1.96 3.87 16.38
CA GLY B 196 0.65 3.27 16.44
C GLY B 196 -0.51 4.24 16.42
N GLU B 197 -1.74 3.71 16.31
CA GLU B 197 -2.95 4.52 16.29
C GLU B 197 -3.56 4.61 17.69
N TYR B 198 -4.21 5.75 18.01
CA TYR B 198 -4.73 6.02 19.35
C TYR B 198 -6.06 6.76 19.35
N THR B 199 -6.94 6.44 20.30
CA THR B 199 -8.13 7.25 20.53
C THR B 199 -8.02 7.87 21.93
N PHE B 200 -8.72 8.97 22.15
CA PHE B 200 -8.68 9.65 23.45
C PHE B 200 -10.09 9.96 23.94
N GLU B 201 -10.22 10.16 25.24
CA GLU B 201 -11.45 10.48 25.94
C GLU B 201 -11.08 11.32 27.21
N LYS B 202 -11.96 12.24 27.64
CA LYS B 202 -11.67 13.09 28.82
C LYS B 202 -11.40 12.24 30.08
N GLY B 203 -10.46 12.68 30.91
CA GLY B 203 -10.11 11.98 32.14
C GLY B 203 -10.85 12.48 33.36
N ALA B 208 -5.31 16.24 30.81
CA ALA B 208 -5.96 15.27 31.69
C ALA B 208 -6.81 14.30 30.86
N VAL B 209 -6.17 13.55 29.95
CA VAL B 209 -6.85 12.65 29.01
C VAL B 209 -6.60 11.16 29.29
N VAL B 210 -7.46 10.27 28.74
CA VAL B 210 -7.40 8.81 28.85
C VAL B 210 -7.14 8.22 27.43
N TYR B 211 -6.02 7.47 27.25
CA TYR B 211 -5.70 6.95 25.91
C TYR B 211 -6.04 5.48 25.70
N ARG B 212 -6.68 5.19 24.56
CA ARG B 212 -7.03 3.82 24.17
C ARG B 212 -6.19 3.47 22.96
N GLY B 213 -4.95 3.12 23.21
CA GLY B 213 -4.02 2.80 22.15
C GLY B 213 -4.23 1.45 21.49
N THR B 214 -4.21 1.44 20.14
CA THR B 214 -4.33 0.22 19.33
C THR B 214 -3.18 -0.75 19.69
N THR B 215 -1.99 -0.20 19.94
CA THR B 215 -0.84 -0.97 20.36
C THR B 215 -0.47 -0.62 21.81
N THR B 216 0.30 -1.51 22.45
CA THR B 216 0.75 -1.31 23.84
C THR B 216 2.18 -0.74 23.86
N TYR B 217 2.31 0.57 24.10
CA TYR B 217 3.62 1.22 24.12
C TYR B 217 3.90 1.86 25.46
N LYS B 218 5.19 2.00 25.80
CA LYS B 218 5.61 2.70 27.01
C LYS B 218 5.85 4.15 26.58
N LEU B 219 4.83 4.76 25.90
CA LEU B 219 4.88 6.13 25.40
C LEU B 219 5.23 7.10 26.48
N ASN B 220 6.16 7.97 26.16
CA ASN B 220 6.66 8.93 27.11
C ASN B 220 6.43 10.37 26.64
N VAL B 221 6.87 11.33 27.45
CA VAL B 221 6.80 12.76 27.19
C VAL B 221 7.49 13.09 25.84
N GLY B 222 6.95 14.06 25.09
CA GLY B 222 7.51 14.44 23.80
C GLY B 222 6.83 13.81 22.62
N ASP B 223 6.20 12.65 22.84
CA ASP B 223 5.45 11.94 21.80
C ASP B 223 4.25 12.79 21.41
N TYR B 224 3.94 12.83 20.11
CA TYR B 224 2.83 13.66 19.66
C TYR B 224 1.80 12.87 18.83
N PHE B 225 0.58 13.40 18.72
CA PHE B 225 -0.55 12.75 18.08
C PHE B 225 -1.26 13.61 17.04
N VAL B 226 -1.31 13.16 15.79
CA VAL B 226 -2.03 13.87 14.72
C VAL B 226 -3.05 12.91 14.10
N LEU B 227 -4.17 13.45 13.61
CA LEU B 227 -5.19 12.66 12.96
C LEU B 227 -4.67 12.22 11.59
N THR B 228 -4.61 10.89 11.32
CA THR B 228 -4.03 10.43 10.04
C THR B 228 -4.91 10.77 8.85
N SER B 229 -4.35 11.59 7.99
CA SER B 229 -4.99 12.08 6.78
C SER B 229 -4.34 11.35 5.60
N HIS B 230 -5.15 10.84 4.69
CA HIS B 230 -4.62 10.15 3.53
C HIS B 230 -4.96 10.86 2.23
N THR B 231 -4.16 10.58 1.18
CA THR B 231 -4.34 11.16 -0.16
C THR B 231 -5.62 10.60 -0.78
N VAL B 232 -6.52 11.50 -1.22
CA VAL B 232 -7.80 11.18 -1.86
C VAL B 232 -7.51 10.99 -3.34
N MET B 233 -7.68 9.76 -3.85
CA MET B 233 -7.47 9.49 -5.27
C MET B 233 -8.70 9.88 -6.10
N PRO B 234 -8.51 10.23 -7.38
CA PRO B 234 -9.67 10.57 -8.21
C PRO B 234 -10.52 9.34 -8.56
N LEU B 235 -11.83 9.57 -8.79
CA LEU B 235 -12.84 8.55 -9.08
C LEU B 235 -13.05 8.45 -10.58
N SER B 236 -13.27 7.24 -11.09
CA SER B 236 -13.47 7.02 -12.53
C SER B 236 -14.75 6.22 -12.80
N ALA B 237 -15.05 5.24 -11.95
CA ALA B 237 -16.23 4.36 -12.09
C ALA B 237 -17.50 4.97 -11.43
N PRO B 238 -18.72 4.72 -11.98
CA PRO B 238 -19.93 5.24 -11.32
C PRO B 238 -20.18 4.63 -9.94
N THR B 239 -21.08 5.23 -9.15
CA THR B 239 -21.42 4.71 -7.83
C THR B 239 -22.20 3.38 -7.96
N LEU B 240 -23.07 3.31 -9.01
CA LEU B 240 -23.82 2.12 -9.40
C LEU B 240 -23.58 1.89 -10.88
N VAL B 241 -23.35 0.64 -11.26
CA VAL B 241 -23.25 0.28 -12.68
C VAL B 241 -24.70 0.35 -13.24
N PRO B 242 -24.88 0.37 -14.58
CA PRO B 242 -26.24 0.40 -15.12
C PRO B 242 -26.94 -0.92 -14.83
N GLN B 243 -28.16 -0.84 -14.28
CA GLN B 243 -28.93 -2.01 -13.96
C GLN B 243 -29.27 -2.86 -15.20
N GLU B 244 -29.25 -4.17 -15.04
CA GLU B 244 -29.66 -5.11 -16.08
C GLU B 244 -30.56 -6.17 -15.44
N HIS B 245 -31.72 -6.46 -16.01
CA HIS B 245 -32.57 -7.55 -15.51
C HIS B 245 -32.52 -8.68 -16.49
N TYR B 246 -32.47 -9.89 -15.96
CA TYR B 246 -32.34 -11.09 -16.79
C TYR B 246 -33.56 -12.00 -16.65
N VAL B 247 -33.78 -12.83 -17.66
CA VAL B 247 -34.90 -13.78 -17.67
C VAL B 247 -34.53 -15.14 -17.02
N ARG B 248 -33.23 -15.39 -16.85
CA ARG B 248 -32.66 -16.59 -16.24
C ARG B 248 -31.49 -16.16 -15.36
N ILE B 249 -31.05 -17.04 -14.44
CA ILE B 249 -29.87 -16.85 -13.61
C ILE B 249 -28.68 -16.85 -14.55
N THR B 250 -27.86 -15.80 -14.49
CA THR B 250 -26.78 -15.59 -15.41
C THR B 250 -25.38 -15.78 -14.82
N GLY B 251 -24.58 -16.65 -15.43
CA GLY B 251 -23.20 -16.91 -15.01
C GLY B 251 -23.01 -17.59 -13.67
N LEU B 252 -24.12 -18.02 -13.07
CA LEU B 252 -24.14 -18.67 -11.77
C LEU B 252 -24.85 -20.00 -11.91
N TYR B 253 -24.39 -21.01 -11.15
CA TYR B 253 -24.95 -22.34 -11.25
C TYR B 253 -25.44 -22.83 -9.87
N PRO B 254 -26.77 -22.78 -9.66
CA PRO B 254 -27.32 -23.13 -8.35
C PRO B 254 -27.14 -24.57 -7.91
N THR B 255 -27.14 -24.76 -6.60
CA THR B 255 -26.94 -26.07 -6.03
C THR B 255 -28.20 -26.90 -6.13
N LEU B 256 -28.00 -28.22 -6.13
CA LEU B 256 -29.13 -29.13 -6.13
C LEU B 256 -29.60 -29.36 -4.69
N ASN B 257 -28.64 -29.53 -3.75
CA ASN B 257 -28.94 -29.76 -2.36
C ASN B 257 -28.45 -28.61 -1.54
N ILE B 258 -29.37 -27.91 -0.90
CA ILE B 258 -29.08 -26.82 0.04
C ILE B 258 -29.56 -27.26 1.45
N SER B 259 -28.98 -26.71 2.51
CA SER B 259 -29.41 -27.03 3.86
C SER B 259 -30.63 -26.18 4.25
N ASP B 260 -31.49 -26.69 5.16
CA ASP B 260 -32.65 -25.95 5.65
C ASP B 260 -32.29 -24.66 6.41
N GLU B 261 -31.00 -24.47 6.73
CA GLU B 261 -30.47 -23.26 7.34
C GLU B 261 -30.48 -22.13 6.28
N PHE B 262 -30.36 -22.44 4.98
CA PHE B 262 -30.37 -21.42 3.93
C PHE B 262 -31.59 -21.44 3.02
N SER B 263 -32.55 -22.34 3.26
CA SER B 263 -33.76 -22.48 2.45
C SER B 263 -34.61 -21.23 2.42
N SER B 264 -34.65 -20.47 3.52
CA SER B 264 -35.42 -19.24 3.55
C SER B 264 -34.91 -18.19 2.55
N ASN B 265 -33.65 -18.29 2.12
CA ASN B 265 -33.09 -17.31 1.20
C ASN B 265 -32.98 -17.79 -0.27
N VAL B 266 -33.47 -19.01 -0.61
CA VAL B 266 -33.37 -19.54 -1.96
C VAL B 266 -34.00 -18.63 -3.06
N ALA B 267 -35.22 -18.10 -2.84
CA ALA B 267 -35.84 -17.22 -3.84
C ALA B 267 -35.01 -15.92 -4.02
N ASN B 268 -34.47 -15.38 -2.92
CA ASN B 268 -33.63 -14.18 -2.94
C ASN B 268 -32.29 -14.44 -3.62
N TYR B 269 -31.71 -15.63 -3.45
CA TYR B 269 -30.45 -16.03 -4.10
C TYR B 269 -30.67 -16.12 -5.61
N GLN B 270 -31.87 -16.58 -6.03
CA GLN B 270 -32.24 -16.68 -7.46
C GLN B 270 -32.41 -15.28 -8.04
N LYS B 271 -33.05 -14.37 -7.29
CA LYS B 271 -33.19 -12.96 -7.68
C LYS B 271 -31.80 -12.32 -7.89
N VAL B 272 -30.83 -12.64 -7.01
CA VAL B 272 -29.45 -12.17 -7.13
C VAL B 272 -28.85 -12.52 -8.51
N GLY B 273 -29.09 -13.73 -8.97
CA GLY B 273 -28.57 -14.20 -10.27
C GLY B 273 -29.33 -13.68 -11.47
N MET B 274 -30.50 -13.08 -11.25
CA MET B 274 -31.33 -12.55 -12.35
C MET B 274 -31.34 -11.02 -12.52
N GLN B 275 -30.39 -10.34 -11.92
CA GLN B 275 -30.19 -8.89 -12.15
C GLN B 275 -28.72 -8.55 -11.90
N LYS B 276 -28.22 -7.46 -12.53
CA LYS B 276 -26.83 -7.04 -12.45
C LYS B 276 -26.49 -6.74 -11.00
N TYR B 277 -27.36 -5.99 -10.33
CA TYR B 277 -27.15 -5.67 -8.93
C TYR B 277 -28.47 -5.76 -8.19
N SER B 278 -28.37 -6.14 -6.91
CA SER B 278 -29.53 -6.27 -6.06
C SER B 278 -29.27 -5.65 -4.71
N THR B 279 -30.31 -5.08 -4.13
CA THR B 279 -30.21 -4.46 -2.83
C THR B 279 -30.93 -5.32 -1.80
N LEU B 280 -30.30 -5.52 -0.64
CA LEU B 280 -30.89 -6.27 0.44
C LEU B 280 -31.00 -5.41 1.70
N GLN B 281 -32.23 -5.11 2.12
CA GLN B 281 -32.44 -4.43 3.38
C GLN B 281 -32.66 -5.49 4.50
N GLY B 282 -31.70 -5.53 5.40
CA GLY B 282 -31.77 -6.43 6.54
C GLY B 282 -31.78 -5.68 7.86
N PRO B 283 -32.97 -5.46 8.43
CA PRO B 283 -33.08 -4.85 9.76
C PRO B 283 -32.22 -5.57 10.81
N PRO B 284 -32.07 -5.01 12.03
CA PRO B 284 -31.27 -5.69 13.05
C PRO B 284 -31.69 -7.14 13.33
N GLY B 285 -30.72 -8.04 13.35
CA GLY B 285 -30.93 -9.44 13.73
C GLY B 285 -31.78 -10.28 12.80
N THR B 286 -31.86 -9.88 11.53
CA THR B 286 -32.66 -10.56 10.51
C THR B 286 -31.84 -11.55 9.67
N GLY B 287 -30.50 -11.55 9.77
CA GLY B 287 -29.66 -12.52 9.08
C GLY B 287 -28.87 -12.12 7.87
N LYS B 288 -28.32 -10.91 7.88
CA LYS B 288 -27.50 -10.40 6.78
C LYS B 288 -26.23 -11.23 6.49
N SER B 289 -25.41 -11.56 7.52
CA SER B 289 -24.17 -12.35 7.29
C SER B 289 -24.51 -13.77 6.85
N HIS B 290 -25.59 -14.32 7.40
CA HIS B 290 -26.11 -15.64 7.08
C HIS B 290 -26.49 -15.66 5.58
N PHE B 291 -27.19 -14.60 5.13
CA PHE B 291 -27.57 -14.46 3.73
C PHE B 291 -26.32 -14.38 2.85
N ALA B 292 -25.35 -13.51 3.22
CA ALA B 292 -24.14 -13.35 2.45
C ALA B 292 -23.33 -14.64 2.30
N ILE B 293 -23.17 -15.43 3.39
CA ILE B 293 -22.38 -16.66 3.30
C ILE B 293 -23.17 -17.78 2.61
N GLY B 294 -24.47 -17.84 2.85
CA GLY B 294 -25.33 -18.82 2.19
C GLY B 294 -25.38 -18.64 0.68
N LEU B 295 -25.13 -17.40 0.19
CA LEU B 295 -25.06 -17.12 -1.24
C LEU B 295 -23.94 -17.98 -1.87
N ALA B 296 -22.83 -18.19 -1.13
CA ALA B 296 -21.70 -19.02 -1.56
C ALA B 296 -22.10 -20.50 -1.62
N LEU B 297 -22.86 -20.96 -0.66
CA LEU B 297 -23.33 -22.34 -0.63
C LEU B 297 -24.41 -22.57 -1.73
N TYR B 298 -25.15 -21.51 -2.10
CA TYR B 298 -26.18 -21.64 -3.13
C TYR B 298 -25.55 -21.66 -4.52
N TYR B 299 -24.49 -20.88 -4.78
CA TYR B 299 -23.79 -20.89 -6.08
C TYR B 299 -22.39 -21.37 -5.74
N PRO B 300 -22.24 -22.71 -5.55
CA PRO B 300 -21.00 -23.26 -5.01
C PRO B 300 -19.73 -23.06 -5.80
N SER B 301 -19.81 -22.94 -7.13
CA SER B 301 -18.60 -22.73 -7.96
C SER B 301 -18.25 -21.24 -8.19
N ALA B 302 -19.17 -20.32 -7.81
CA ALA B 302 -19.01 -18.87 -7.98
C ALA B 302 -17.88 -18.28 -7.13
N ARG B 303 -17.07 -17.42 -7.72
CA ARG B 303 -16.02 -16.69 -7.02
C ARG B 303 -16.67 -15.44 -6.38
N ILE B 304 -16.64 -15.34 -5.05
CA ILE B 304 -17.27 -14.22 -4.37
C ILE B 304 -16.29 -13.35 -3.63
N VAL B 305 -16.33 -12.05 -3.92
CA VAL B 305 -15.52 -11.08 -3.19
C VAL B 305 -16.45 -10.42 -2.21
N TYR B 306 -16.16 -10.55 -0.90
CA TYR B 306 -16.89 -9.99 0.22
C TYR B 306 -16.16 -8.72 0.63
N THR B 307 -16.88 -7.59 0.60
CA THR B 307 -16.32 -6.29 0.92
C THR B 307 -17.23 -5.48 1.83
N ALA B 308 -16.63 -4.54 2.56
CA ALA B 308 -17.26 -3.57 3.47
C ALA B 308 -16.24 -2.44 3.76
N CYS B 309 -16.68 -1.31 4.31
CA CYS B 309 -15.78 -0.17 4.56
C CYS B 309 -14.81 -0.47 5.70
N SER B 310 -15.33 -0.98 6.82
CA SER B 310 -14.54 -1.26 8.02
C SER B 310 -13.92 -2.68 8.07
N HIS B 311 -12.80 -2.80 8.77
CA HIS B 311 -12.16 -4.09 9.02
C HIS B 311 -13.10 -4.95 9.88
N ALA B 312 -13.85 -4.35 10.83
CA ALA B 312 -14.80 -5.10 11.67
C ALA B 312 -15.94 -5.74 10.86
N ALA B 313 -16.55 -5.01 9.89
CA ALA B 313 -17.61 -5.58 9.08
C ALA B 313 -17.08 -6.74 8.24
N VAL B 314 -15.85 -6.58 7.67
CA VAL B 314 -15.20 -7.64 6.87
C VAL B 314 -14.92 -8.89 7.73
N ASP B 315 -14.40 -8.67 8.98
CA ASP B 315 -14.07 -9.69 9.96
C ASP B 315 -15.30 -10.48 10.35
N ALA B 316 -16.46 -9.82 10.57
CA ALA B 316 -17.72 -10.50 10.94
C ALA B 316 -18.20 -11.42 9.79
N LEU B 317 -17.91 -11.03 8.51
CA LEU B 317 -18.20 -11.84 7.34
C LEU B 317 -17.23 -13.07 7.31
N CYS B 318 -15.96 -12.85 7.66
CA CYS B 318 -14.91 -13.87 7.79
C CYS B 318 -15.33 -14.93 8.85
N GLU B 319 -15.84 -14.47 10.03
CA GLU B 319 -16.28 -15.32 11.11
C GLU B 319 -17.42 -16.21 10.66
N LYS B 320 -18.37 -15.65 9.88
CA LYS B 320 -19.50 -16.40 9.36
C LYS B 320 -19.03 -17.41 8.29
N ALA B 321 -18.06 -17.05 7.42
CA ALA B 321 -17.51 -17.96 6.41
C ALA B 321 -16.70 -19.10 7.04
N LEU B 322 -16.03 -18.83 8.15
CA LEU B 322 -15.22 -19.81 8.85
C LEU B 322 -16.09 -21.01 9.31
N LYS B 323 -17.36 -20.75 9.70
CA LYS B 323 -18.37 -21.71 10.13
C LYS B 323 -19.05 -22.49 8.98
N TYR B 324 -19.06 -21.96 7.72
CA TYR B 324 -19.79 -22.62 6.63
C TYR B 324 -18.99 -22.97 5.38
N LEU B 325 -17.93 -22.23 5.11
CA LEU B 325 -17.17 -22.40 3.89
C LEU B 325 -15.80 -23.03 4.10
N PRO B 326 -15.31 -23.77 3.09
CA PRO B 326 -13.97 -24.38 3.21
C PRO B 326 -12.88 -23.31 3.42
N ILE B 327 -12.17 -23.38 4.56
CA ILE B 327 -11.11 -22.44 4.93
C ILE B 327 -10.00 -22.35 3.87
N ASP B 328 -9.72 -23.44 3.12
CA ASP B 328 -8.68 -23.42 2.09
C ASP B 328 -9.10 -22.63 0.84
N LYS B 329 -10.43 -22.36 0.69
CA LYS B 329 -11.06 -21.59 -0.38
C LYS B 329 -11.17 -20.08 -0.04
N CYS B 330 -10.79 -19.67 1.19
CA CYS B 330 -10.88 -18.29 1.69
C CYS B 330 -9.53 -17.57 1.83
N SER B 331 -9.59 -16.23 1.71
CA SER B 331 -8.43 -15.36 1.87
C SER B 331 -8.82 -13.97 2.36
N ARG B 332 -8.15 -13.50 3.40
CA ARG B 332 -8.36 -12.18 3.96
C ARG B 332 -7.26 -11.24 3.39
N ILE B 333 -7.66 -10.24 2.57
CA ILE B 333 -6.71 -9.28 1.99
C ILE B 333 -6.48 -8.22 3.05
N ILE B 334 -5.20 -8.01 3.41
CA ILE B 334 -4.77 -7.09 4.43
C ILE B 334 -3.74 -6.16 3.85
N PRO B 335 -3.99 -4.83 3.95
CA PRO B 335 -3.00 -3.87 3.43
C PRO B 335 -1.75 -3.78 4.32
N ALA B 336 -0.57 -3.59 3.72
CA ALA B 336 0.67 -3.46 4.50
C ALA B 336 0.64 -2.17 5.33
N VAL B 340 -3.14 -2.36 11.80
CA VAL B 340 -4.49 -2.78 12.21
C VAL B 340 -4.62 -4.31 12.49
N GLU B 341 -5.27 -4.68 13.62
CA GLU B 341 -5.45 -6.11 13.91
C GLU B 341 -6.82 -6.62 13.43
N CYS B 342 -6.79 -7.57 12.52
CA CYS B 342 -8.00 -8.14 11.97
C CYS B 342 -7.90 -9.68 11.82
N PHE B 343 -8.94 -10.32 11.26
CA PHE B 343 -9.09 -11.74 11.00
C PHE B 343 -7.83 -12.47 10.52
N ASP B 344 -7.31 -13.46 11.30
CA ASP B 344 -6.08 -14.15 10.87
C ASP B 344 -6.23 -15.65 10.72
N LYS B 345 -7.45 -16.11 10.41
CA LYS B 345 -7.66 -17.54 10.24
C LYS B 345 -7.64 -17.99 8.76
N PHE B 346 -7.60 -17.03 7.80
CA PHE B 346 -7.56 -17.38 6.38
C PHE B 346 -6.15 -17.10 5.83
N LYS B 347 -5.77 -17.72 4.67
CA LYS B 347 -4.47 -17.37 4.05
C LYS B 347 -4.49 -15.90 3.65
N VAL B 348 -3.42 -15.15 3.95
CA VAL B 348 -3.42 -13.70 3.72
C VAL B 348 -2.90 -13.28 2.34
N ASN B 349 -3.67 -12.38 1.70
CA ASN B 349 -3.36 -11.72 0.43
C ASN B 349 -3.29 -12.66 -0.77
N SER B 350 -4.15 -13.69 -0.78
CA SER B 350 -4.23 -14.59 -1.92
C SER B 350 -5.44 -14.13 -2.71
N THR B 351 -5.20 -13.11 -3.55
CA THR B 351 -6.17 -12.43 -4.42
C THR B 351 -6.98 -13.41 -5.29
N LEU B 352 -6.39 -14.56 -5.66
CA LEU B 352 -7.07 -15.51 -6.53
C LEU B 352 -7.85 -16.64 -5.83
N GLU B 353 -8.03 -16.52 -4.52
CA GLU B 353 -8.81 -17.49 -3.77
C GLU B 353 -10.29 -17.35 -4.15
N GLN B 354 -11.06 -18.45 -4.10
CA GLN B 354 -12.48 -18.40 -4.44
C GLN B 354 -13.26 -17.40 -3.60
N TYR B 355 -12.90 -17.24 -2.31
CA TYR B 355 -13.58 -16.32 -1.42
C TYR B 355 -12.60 -15.31 -0.91
N VAL B 356 -12.80 -14.06 -1.27
CA VAL B 356 -11.89 -13.00 -0.89
C VAL B 356 -12.61 -12.02 0.00
N PHE B 357 -12.09 -11.80 1.18
CA PHE B 357 -12.67 -10.88 2.15
C PHE B 357 -11.69 -9.71 2.24
N CYS B 358 -12.16 -8.49 2.03
CA CYS B 358 -11.28 -7.34 1.94
C CYS B 358 -12.06 -6.03 2.14
N THR B 359 -11.46 -5.04 2.85
CA THR B 359 -12.10 -3.73 3.01
C THR B 359 -12.10 -2.98 1.65
N VAL B 360 -13.02 -2.03 1.44
CA VAL B 360 -13.05 -1.28 0.18
C VAL B 360 -11.68 -0.62 -0.17
N ASN B 361 -11.03 0.08 0.79
CA ASN B 361 -9.77 0.81 0.52
C ASN B 361 -8.57 -0.10 0.15
N ALA B 362 -8.68 -1.42 0.41
CA ALA B 362 -7.65 -2.41 0.13
C ALA B 362 -7.92 -3.34 -1.06
N LEU B 363 -9.08 -3.18 -1.73
CA LEU B 363 -9.46 -4.05 -2.83
C LEU B 363 -8.45 -4.08 -3.94
N PRO B 364 -8.12 -5.28 -4.42
CA PRO B 364 -7.25 -5.39 -5.60
C PRO B 364 -8.04 -5.24 -6.91
N GLU B 365 -7.32 -5.15 -8.03
CA GLU B 365 -7.95 -5.06 -9.34
C GLU B 365 -8.24 -6.47 -9.77
N THR B 366 -9.50 -6.88 -9.65
CA THR B 366 -9.90 -8.25 -9.95
C THR B 366 -11.36 -8.33 -10.49
N THR B 367 -11.77 -9.52 -10.89
CA THR B 367 -13.12 -9.83 -11.34
C THR B 367 -13.74 -10.85 -10.36
N ALA B 368 -15.06 -11.03 -10.43
CA ALA B 368 -15.76 -11.98 -9.56
C ALA B 368 -17.12 -12.35 -10.17
N ASP B 369 -17.67 -13.50 -9.78
CA ASP B 369 -19.01 -13.89 -10.23
C ASP B 369 -20.03 -13.09 -9.39
N ILE B 370 -19.76 -12.91 -8.08
CA ILE B 370 -20.57 -12.08 -7.21
C ILE B 370 -19.65 -11.22 -6.35
N VAL B 371 -20.04 -9.96 -6.17
CA VAL B 371 -19.41 -9.08 -5.21
C VAL B 371 -20.49 -8.83 -4.16
N VAL B 372 -20.20 -9.09 -2.87
CA VAL B 372 -21.12 -8.80 -1.79
C VAL B 372 -20.53 -7.59 -1.09
N PHE B 373 -21.28 -6.48 -1.03
CA PHE B 373 -20.86 -5.26 -0.35
C PHE B 373 -21.80 -5.12 0.85
N ASP B 374 -21.27 -5.36 2.07
CA ASP B 374 -22.03 -5.32 3.32
C ASP B 374 -21.93 -3.96 4.05
N GLU B 375 -22.86 -3.75 5.00
CA GLU B 375 -23.04 -2.60 5.86
C GLU B 375 -23.13 -1.35 4.99
N ILE B 376 -24.03 -1.39 4.00
CA ILE B 376 -24.19 -0.39 2.96
C ILE B 376 -24.60 0.98 3.49
N SER B 377 -25.28 1.10 4.66
CA SER B 377 -25.61 2.42 5.20
C SER B 377 -24.33 3.21 5.54
N MET B 378 -23.23 2.49 5.91
CA MET B 378 -21.93 3.09 6.25
C MET B 378 -21.09 3.48 5.03
N ALA B 379 -21.47 3.06 3.82
CA ALA B 379 -20.71 3.42 2.63
C ALA B 379 -21.00 4.88 2.24
N THR B 380 -20.03 5.48 1.59
CA THR B 380 -20.18 6.78 0.95
C THR B 380 -20.17 6.51 -0.56
N ASN B 381 -20.53 7.51 -1.36
CA ASN B 381 -20.46 7.39 -2.80
C ASN B 381 -19.04 7.20 -3.28
N TYR B 382 -18.05 7.72 -2.50
CA TYR B 382 -16.65 7.55 -2.79
C TYR B 382 -16.32 6.02 -2.75
N ASP B 383 -16.76 5.32 -1.69
CA ASP B 383 -16.62 3.87 -1.54
C ASP B 383 -17.31 3.10 -2.68
N LEU B 384 -18.58 3.44 -2.98
CA LEU B 384 -19.37 2.80 -4.06
C LEU B 384 -18.63 2.86 -5.39
N SER B 385 -18.03 4.02 -5.71
CA SER B 385 -17.27 4.23 -6.93
C SER B 385 -15.99 3.38 -6.94
N VAL B 386 -15.23 3.39 -5.82
CA VAL B 386 -14.01 2.61 -5.70
C VAL B 386 -14.30 1.11 -5.92
N VAL B 387 -15.40 0.59 -5.33
CA VAL B 387 -15.74 -0.81 -5.54
C VAL B 387 -15.98 -1.12 -7.04
N ASN B 388 -16.73 -0.26 -7.74
CA ASN B 388 -16.98 -0.47 -9.18
C ASN B 388 -15.73 -0.37 -10.03
N ALA B 389 -14.73 0.40 -9.56
CA ALA B 389 -13.45 0.61 -10.24
C ALA B 389 -12.46 -0.55 -10.03
N ARG B 390 -12.46 -1.13 -8.82
CA ARG B 390 -11.56 -2.22 -8.50
C ARG B 390 -12.08 -3.57 -8.95
N LEU B 391 -13.42 -3.81 -8.81
CA LEU B 391 -14.06 -5.12 -9.07
C LEU B 391 -15.03 -5.14 -10.27
N ARG B 392 -14.73 -5.94 -11.31
CA ARG B 392 -15.64 -6.10 -12.44
C ARG B 392 -16.37 -7.45 -12.22
N ALA B 393 -17.65 -7.40 -11.83
CA ALA B 393 -18.40 -8.60 -11.48
C ALA B 393 -19.64 -8.88 -12.34
N LYS B 394 -20.11 -10.16 -12.36
CA LYS B 394 -21.33 -10.51 -13.06
C LYS B 394 -22.52 -9.98 -12.24
N HIS B 395 -22.43 -10.04 -10.89
CA HIS B 395 -23.47 -9.62 -9.96
C HIS B 395 -22.92 -8.88 -8.78
N TYR B 396 -23.64 -7.87 -8.32
CA TYR B 396 -23.26 -7.07 -7.17
C TYR B 396 -24.41 -7.13 -6.21
N VAL B 397 -24.14 -7.47 -4.95
CA VAL B 397 -25.19 -7.52 -3.94
C VAL B 397 -24.85 -6.51 -2.86
N TYR B 398 -25.76 -5.57 -2.60
CA TYR B 398 -25.58 -4.53 -1.60
C TYR B 398 -26.41 -4.88 -0.43
N ILE B 399 -25.78 -5.18 0.69
CA ILE B 399 -26.46 -5.55 1.92
C ILE B 399 -26.26 -4.49 3.01
N GLY B 400 -27.35 -4.14 3.66
CA GLY B 400 -27.31 -3.16 4.74
C GLY B 400 -28.70 -2.80 5.19
N ASP B 401 -28.85 -1.61 5.78
CA ASP B 401 -30.14 -1.18 6.25
C ASP B 401 -30.16 0.35 6.28
N PRO B 402 -30.95 1.00 5.36
CA PRO B 402 -31.02 2.48 5.36
C PRO B 402 -31.56 3.08 6.64
N ALA B 403 -32.22 2.26 7.49
CA ALA B 403 -32.73 2.62 8.82
C ALA B 403 -31.66 2.54 9.93
N GLN B 404 -30.42 2.15 9.58
CA GLN B 404 -29.29 2.15 10.51
C GLN B 404 -28.39 3.36 10.27
N LEU B 405 -27.29 3.46 11.01
CA LEU B 405 -26.41 4.59 10.95
C LEU B 405 -25.54 4.72 9.68
N PRO B 406 -25.42 5.97 9.20
CA PRO B 406 -24.55 6.23 8.06
C PRO B 406 -23.11 6.50 8.49
N ALA B 407 -22.19 6.70 7.52
CA ALA B 407 -20.82 7.09 7.84
C ALA B 407 -20.86 8.49 8.50
N PRO B 408 -20.03 8.72 9.51
CA PRO B 408 -20.02 10.07 10.13
C PRO B 408 -19.63 11.11 9.08
N ARG B 409 -20.36 12.21 9.05
CA ARG B 409 -20.03 13.29 8.14
C ARG B 409 -19.53 14.41 9.00
N THR B 410 -18.22 14.37 9.29
CA THR B 410 -17.53 15.29 10.19
C THR B 410 -17.81 16.77 9.88
N LEU B 411 -17.90 17.16 8.59
CA LEU B 411 -18.11 18.56 8.25
C LEU B 411 -19.54 19.03 8.42
N LEU B 412 -20.52 18.12 8.35
CA LEU B 412 -21.94 18.46 8.43
C LEU B 412 -22.36 18.90 9.82
N THR B 413 -22.85 20.14 9.94
CA THR B 413 -23.32 20.71 11.21
C THR B 413 -24.72 21.33 11.11
N LYS B 414 -25.17 21.68 9.90
CA LYS B 414 -26.47 22.31 9.72
C LYS B 414 -27.44 21.42 8.95
N GLY B 415 -28.47 20.96 9.65
CA GLY B 415 -29.48 20.10 9.04
C GLY B 415 -29.19 18.64 9.25
N THR B 416 -30.20 17.81 9.04
CA THR B 416 -30.05 16.37 9.19
C THR B 416 -29.96 15.71 7.82
N LEU B 417 -29.09 14.72 7.70
CA LEU B 417 -28.95 13.95 6.47
C LEU B 417 -29.92 12.75 6.46
N GLU B 418 -30.97 12.79 5.63
CA GLU B 418 -31.95 11.70 5.55
C GLU B 418 -31.36 10.43 4.86
N PRO B 419 -31.87 9.21 5.21
CA PRO B 419 -31.35 7.96 4.62
C PRO B 419 -31.29 7.90 3.10
N GLU B 420 -32.27 8.50 2.39
CA GLU B 420 -32.24 8.55 0.92
C GLU B 420 -31.02 9.35 0.35
N TYR B 421 -30.23 9.97 1.22
CA TYR B 421 -29.07 10.74 0.80
C TYR B 421 -27.73 10.18 1.34
N PHE B 422 -27.73 8.97 1.98
CA PHE B 422 -26.50 8.39 2.55
C PHE B 422 -25.56 8.04 1.42
N ASN B 423 -26.07 7.40 0.39
CA ASN B 423 -25.31 7.04 -0.80
C ASN B 423 -26.32 6.64 -1.91
N SER B 424 -25.83 6.31 -3.12
CA SER B 424 -26.70 5.94 -4.22
C SER B 424 -27.54 4.66 -3.91
N VAL B 425 -26.95 3.68 -3.21
CA VAL B 425 -27.66 2.45 -2.87
C VAL B 425 -28.82 2.75 -1.93
N CYS B 426 -28.55 3.53 -0.87
CA CYS B 426 -29.58 3.91 0.09
C CYS B 426 -30.66 4.78 -0.57
N ARG B 427 -30.27 5.60 -1.56
CA ARG B 427 -31.22 6.42 -2.31
C ARG B 427 -32.21 5.48 -3.04
N LEU B 428 -31.70 4.46 -3.75
CA LEU B 428 -32.55 3.45 -4.39
C LEU B 428 -33.47 2.75 -3.37
N MET B 429 -32.93 2.22 -2.26
CA MET B 429 -33.72 1.54 -1.22
C MET B 429 -34.84 2.39 -0.64
N LYS B 430 -34.64 3.70 -0.54
CA LYS B 430 -35.65 4.60 0.02
C LYS B 430 -36.65 5.13 -1.04
N THR B 431 -36.26 5.12 -2.31
CA THR B 431 -37.11 5.63 -3.39
C THR B 431 -37.90 4.49 -4.09
N ILE B 432 -37.22 3.55 -4.76
CA ILE B 432 -37.86 2.41 -5.42
C ILE B 432 -38.07 1.17 -4.49
N GLY B 433 -37.51 1.20 -3.28
CA GLY B 433 -37.57 0.07 -2.35
C GLY B 433 -36.42 -0.90 -2.55
N PRO B 434 -36.05 -1.68 -1.53
CA PRO B 434 -34.98 -2.67 -1.73
C PRO B 434 -35.48 -3.87 -2.53
N ASP B 435 -34.59 -4.54 -3.26
CA ASP B 435 -35.01 -5.73 -4.01
C ASP B 435 -35.41 -6.86 -3.05
N MET B 436 -34.66 -7.00 -1.94
CA MET B 436 -34.93 -8.04 -0.99
C MET B 436 -34.97 -7.48 0.39
N PHE B 437 -35.83 -8.06 1.22
CA PHE B 437 -35.99 -7.59 2.57
C PHE B 437 -36.01 -8.81 3.54
N LEU B 438 -35.14 -8.81 4.58
CA LEU B 438 -35.19 -9.87 5.61
C LEU B 438 -36.18 -9.38 6.65
N GLY B 439 -37.39 -9.93 6.60
CA GLY B 439 -38.48 -9.46 7.42
C GLY B 439 -38.68 -10.07 8.77
N THR B 440 -37.80 -11.00 9.22
CA THR B 440 -37.99 -11.58 10.55
C THR B 440 -36.77 -11.34 11.47
N CYS B 441 -37.01 -10.58 12.55
CA CYS B 441 -35.98 -10.28 13.52
C CYS B 441 -35.92 -11.40 14.53
N ARG B 442 -34.77 -12.06 14.66
CA ARG B 442 -34.61 -13.18 15.59
C ARG B 442 -33.96 -12.77 16.92
N ARG B 443 -33.43 -11.55 16.99
CA ARG B 443 -32.71 -11.10 18.16
C ARG B 443 -33.59 -10.53 19.26
N CYS B 444 -34.48 -9.59 18.92
CA CYS B 444 -35.14 -8.77 19.91
C CYS B 444 -36.45 -9.29 20.48
N PRO B 445 -36.73 -8.96 21.77
CA PRO B 445 -38.07 -9.22 22.33
C PRO B 445 -39.12 -8.48 21.47
N ALA B 446 -40.33 -9.03 21.33
CA ALA B 446 -41.34 -8.42 20.46
C ALA B 446 -41.62 -6.92 20.72
N GLU B 447 -41.57 -6.42 21.98
CA GLU B 447 -41.78 -4.97 22.29
C GLU B 447 -40.87 -4.08 21.45
N ILE B 448 -39.58 -4.43 21.34
CA ILE B 448 -38.57 -3.72 20.56
C ILE B 448 -38.86 -3.89 19.07
N VAL B 449 -39.15 -5.13 18.62
CA VAL B 449 -39.43 -5.38 17.22
C VAL B 449 -40.67 -4.58 16.75
N ASP B 450 -41.74 -4.57 17.54
CA ASP B 450 -42.96 -3.85 17.21
C ASP B 450 -42.71 -2.32 17.12
N THR B 451 -41.87 -1.79 18.02
CA THR B 451 -41.50 -0.37 18.06
C THR B 451 -40.76 0.07 16.80
N VAL B 452 -39.63 -0.60 16.45
CA VAL B 452 -38.82 -0.21 15.30
C VAL B 452 -39.54 -0.55 13.98
N SER B 453 -40.34 -1.63 13.96
CA SER B 453 -41.14 -2.00 12.79
C SER B 453 -42.08 -0.81 12.40
N ALA B 454 -42.78 -0.23 13.38
CA ALA B 454 -43.64 0.94 13.14
C ALA B 454 -42.83 2.24 12.88
N LEU B 455 -41.70 2.41 13.58
CA LEU B 455 -40.86 3.60 13.47
C LEU B 455 -40.12 3.79 12.14
N VAL B 456 -39.41 2.75 11.63
CA VAL B 456 -38.58 2.89 10.44
C VAL B 456 -38.80 1.82 9.32
N TYR B 457 -39.58 0.76 9.59
CA TYR B 457 -39.75 -0.33 8.60
C TYR B 457 -41.14 -0.45 8.00
N ASP B 458 -41.99 0.60 8.06
CA ASP B 458 -43.38 0.59 7.52
C ASP B 458 -44.21 -0.64 7.96
N ASN B 459 -44.01 -1.11 9.19
CA ASN B 459 -44.69 -2.25 9.81
C ASN B 459 -44.42 -3.58 9.09
N LYS B 460 -43.26 -3.69 8.40
CA LYS B 460 -42.91 -4.92 7.71
C LYS B 460 -41.96 -5.83 8.50
N LEU B 461 -41.35 -5.32 9.60
CA LEU B 461 -40.47 -6.17 10.40
C LEU B 461 -41.35 -6.99 11.34
N LYS B 462 -41.12 -8.31 11.39
CA LYS B 462 -41.89 -9.22 12.25
C LYS B 462 -40.99 -9.84 13.35
N ALA B 463 -41.56 -10.08 14.54
CA ALA B 463 -40.79 -10.62 15.65
C ALA B 463 -40.82 -12.13 15.65
N HIS B 464 -39.65 -12.73 15.82
CA HIS B 464 -39.55 -14.17 15.97
C HIS B 464 -39.82 -14.46 17.47
N LYS B 465 -39.10 -13.78 18.37
CA LYS B 465 -39.30 -13.94 19.80
C LYS B 465 -40.63 -13.35 20.25
N ASP B 466 -41.15 -13.86 21.37
CA ASP B 466 -42.35 -13.30 21.98
C ASP B 466 -41.94 -12.00 22.75
N LYS B 467 -42.91 -11.29 23.38
CA LYS B 467 -42.61 -10.16 24.23
C LYS B 467 -41.87 -10.72 25.47
N SER B 468 -40.75 -10.08 25.83
CA SER B 468 -39.97 -10.51 26.97
C SER B 468 -40.55 -10.04 28.31
N ALA B 469 -41.40 -8.98 28.29
CA ALA B 469 -41.93 -8.29 29.47
C ALA B 469 -40.80 -7.64 30.32
N GLN B 470 -39.63 -7.44 29.72
CA GLN B 470 -38.47 -6.83 30.34
C GLN B 470 -38.01 -5.58 29.57
N CYS B 471 -38.93 -4.89 28.86
CA CYS B 471 -38.63 -3.70 28.10
C CYS B 471 -39.34 -2.54 28.76
N PHE B 472 -38.57 -1.62 29.37
CA PHE B 472 -39.10 -0.52 30.15
C PHE B 472 -38.69 0.84 29.62
N LYS B 473 -39.54 1.83 29.87
CA LYS B 473 -39.28 3.20 29.48
C LYS B 473 -39.62 4.14 30.64
N MET B 474 -38.82 5.18 30.81
N MET B 474 -38.80 5.16 30.83
CA MET B 474 -39.07 6.20 31.81
CA MET B 474 -38.98 6.19 31.84
C MET B 474 -38.86 7.53 31.15
C MET B 474 -38.84 7.53 31.14
N PHE B 475 -39.74 8.47 31.45
CA PHE B 475 -39.66 9.80 30.90
C PHE B 475 -39.02 10.66 32.01
N TYR B 476 -37.75 11.05 31.82
CA TYR B 476 -37.02 11.81 32.81
C TYR B 476 -36.02 12.79 32.15
N LYS B 477 -36.38 14.08 32.10
CA LYS B 477 -35.49 15.06 31.46
C LYS B 477 -34.16 15.27 32.20
N GLY B 478 -34.15 15.15 33.52
CA GLY B 478 -32.91 15.27 34.28
C GLY B 478 -32.28 16.64 34.19
N VAL B 479 -30.94 16.70 34.12
CA VAL B 479 -30.17 17.94 34.04
C VAL B 479 -29.08 17.74 33.01
N ILE B 480 -29.03 18.57 31.97
CA ILE B 480 -28.03 18.44 30.93
C ILE B 480 -26.85 19.36 31.16
N THR B 481 -25.68 18.77 31.21
CA THR B 481 -24.43 19.49 31.30
C THR B 481 -23.66 19.21 30.01
N HIS B 482 -22.89 20.21 29.60
CA HIS B 482 -22.14 20.16 28.36
C HIS B 482 -20.70 20.33 28.67
N ASP B 483 -19.85 19.61 27.93
CA ASP B 483 -18.42 19.83 28.05
C ASP B 483 -17.91 20.33 26.66
N VAL B 484 -16.63 20.15 26.37
CA VAL B 484 -16.02 20.63 25.13
C VAL B 484 -16.78 20.18 23.84
N SER B 485 -17.20 18.90 23.74
CA SER B 485 -17.88 18.40 22.53
C SER B 485 -18.87 17.24 22.81
N SER B 486 -19.48 17.19 24.01
CA SER B 486 -20.42 16.12 24.35
C SER B 486 -21.44 16.59 25.42
N ALA B 487 -22.42 15.74 25.76
CA ALA B 487 -23.41 16.03 26.79
C ALA B 487 -23.38 14.96 27.89
N ILE B 488 -23.80 15.35 29.06
CA ILE B 488 -23.86 14.50 30.23
C ILE B 488 -25.21 14.78 30.92
N ASN B 489 -25.87 13.73 31.42
CA ASN B 489 -27.09 13.87 32.19
C ASN B 489 -26.91 12.98 33.43
N ARG B 490 -26.28 13.53 34.48
CA ARG B 490 -26.04 12.85 35.74
C ARG B 490 -27.33 12.35 36.40
N PRO B 491 -28.43 13.14 36.47
CA PRO B 491 -29.68 12.61 37.06
C PRO B 491 -30.27 11.40 36.31
N GLN B 492 -30.08 11.29 34.99
CA GLN B 492 -30.52 10.12 34.24
C GLN B 492 -29.70 8.90 34.64
N ILE B 493 -28.37 9.08 34.88
CA ILE B 493 -27.49 8.02 35.39
C ILE B 493 -27.91 7.65 36.82
N GLY B 494 -28.29 8.64 37.62
CA GLY B 494 -28.77 8.45 38.97
C GLY B 494 -30.04 7.61 39.00
N VAL B 495 -30.96 7.86 38.07
CA VAL B 495 -32.19 7.09 37.96
C VAL B 495 -31.86 5.60 37.67
N VAL B 496 -30.83 5.34 36.82
CA VAL B 496 -30.34 4.00 36.45
C VAL B 496 -29.73 3.32 37.67
N ARG B 497 -28.96 4.05 38.46
CA ARG B 497 -28.34 3.55 39.69
C ARG B 497 -29.44 3.10 40.67
N GLU B 498 -30.54 3.88 40.81
CA GLU B 498 -31.70 3.57 41.66
C GLU B 498 -32.44 2.32 41.14
N PHE B 499 -32.55 2.18 39.82
CA PHE B 499 -33.16 1.03 39.17
C PHE B 499 -32.30 -0.21 39.39
N LEU B 500 -30.97 -0.09 39.30
CA LEU B 500 -30.06 -1.21 39.47
C LEU B 500 -30.08 -1.80 40.86
N THR B 501 -30.22 -0.97 41.90
CA THR B 501 -30.30 -1.48 43.26
C THR B 501 -31.58 -2.33 43.46
N ARG B 502 -32.67 -1.96 42.80
CA ARG B 502 -33.93 -2.70 42.89
C ARG B 502 -34.04 -3.85 41.87
N ASN B 503 -33.16 -3.89 40.84
CA ASN B 503 -33.15 -4.86 39.74
C ASN B 503 -31.74 -5.37 39.49
N PRO B 504 -31.13 -6.02 40.53
CA PRO B 504 -29.75 -6.48 40.40
C PRO B 504 -29.45 -7.43 39.23
N ALA B 505 -30.43 -8.16 38.68
CA ALA B 505 -30.16 -8.99 37.48
C ALA B 505 -29.63 -8.10 36.31
N TRP B 506 -30.09 -6.84 36.26
CA TRP B 506 -29.67 -5.86 35.24
C TRP B 506 -28.20 -5.41 35.39
N ARG B 507 -27.47 -5.86 36.44
CA ARG B 507 -26.07 -5.48 36.56
C ARG B 507 -25.22 -6.12 35.42
N LYS B 508 -25.75 -7.09 34.66
CA LYS B 508 -25.07 -7.62 33.48
C LYS B 508 -25.40 -6.80 32.18
N ALA B 509 -26.19 -5.70 32.30
CA ALA B 509 -26.56 -4.86 31.17
C ALA B 509 -25.39 -4.05 30.62
N VAL B 510 -25.50 -3.72 29.33
CA VAL B 510 -24.57 -2.81 28.68
C VAL B 510 -25.22 -1.47 28.68
N PHE B 511 -24.49 -0.43 29.12
CA PHE B 511 -24.93 0.96 29.15
C PHE B 511 -24.69 1.60 27.76
N ILE B 512 -25.76 2.14 27.16
CA ILE B 512 -25.67 2.82 25.89
C ILE B 512 -26.27 4.24 25.99
N SER B 513 -25.63 5.21 25.34
CA SER B 513 -26.12 6.58 25.22
C SER B 513 -25.62 7.20 23.91
N PRO B 514 -26.19 8.33 23.45
CA PRO B 514 -25.68 8.96 22.22
C PRO B 514 -24.38 9.75 22.42
N TYR B 515 -23.83 9.85 23.66
CA TYR B 515 -22.64 10.66 23.98
C TYR B 515 -21.51 9.92 24.70
N ASN B 516 -20.28 10.12 24.25
CA ASN B 516 -19.14 9.49 24.90
C ASN B 516 -18.95 10.00 26.35
N SER B 517 -19.20 11.30 26.62
CA SER B 517 -19.04 11.83 27.97
C SER B 517 -20.08 11.32 28.91
N GLN B 518 -21.32 11.14 28.45
CA GLN B 518 -22.36 10.52 29.28
C GLN B 518 -21.91 9.05 29.69
N ASN B 519 -21.37 8.30 28.73
CA ASN B 519 -20.86 6.94 28.91
C ASN B 519 -19.71 6.89 29.90
N ALA B 520 -18.77 7.85 29.83
CA ALA B 520 -17.62 7.93 30.73
C ALA B 520 -18.08 8.12 32.16
N VAL B 521 -19.09 9.02 32.36
CA VAL B 521 -19.66 9.26 33.69
C VAL B 521 -20.39 8.00 34.19
N ALA B 522 -21.25 7.38 33.34
CA ALA B 522 -21.97 6.15 33.70
C ALA B 522 -21.00 4.97 34.00
N SER B 523 -19.83 4.91 33.34
CA SER B 523 -18.87 3.82 33.55
C SER B 523 -18.31 3.86 34.98
N LYS B 524 -18.02 5.05 35.47
CA LYS B 524 -17.50 5.25 36.80
C LYS B 524 -18.61 5.12 37.87
N ILE B 525 -19.82 5.65 37.62
CA ILE B 525 -20.90 5.60 38.59
C ILE B 525 -21.63 4.23 38.65
N LEU B 526 -21.86 3.59 37.51
CA LEU B 526 -22.59 2.31 37.44
C LEU B 526 -21.65 1.09 37.32
N GLY B 527 -20.51 1.28 36.69
CA GLY B 527 -19.59 0.18 36.46
C GLY B 527 -19.96 -0.73 35.32
N LEU B 528 -21.06 -0.42 34.59
CA LEU B 528 -21.47 -1.21 33.45
C LEU B 528 -20.55 -0.99 32.28
N PRO B 529 -20.34 -1.99 31.40
CA PRO B 529 -19.59 -1.68 30.15
C PRO B 529 -20.46 -0.72 29.31
N THR B 530 -19.82 0.20 28.60
CA THR B 530 -20.49 1.24 27.84
C THR B 530 -20.14 1.21 26.33
N GLN B 531 -21.09 1.69 25.54
CA GLN B 531 -21.05 1.83 24.09
C GLN B 531 -21.81 3.07 23.72
N THR B 532 -21.32 3.81 22.74
CA THR B 532 -22.12 4.87 22.15
C THR B 532 -23.07 4.12 21.20
N VAL B 533 -24.19 4.73 20.83
CA VAL B 533 -25.09 4.09 19.88
C VAL B 533 -24.35 3.69 18.56
N ASP B 534 -23.49 4.61 18.09
CA ASP B 534 -22.72 4.46 16.88
C ASP B 534 -21.70 3.30 16.97
N SER B 535 -21.04 3.10 18.12
CA SER B 535 -20.12 1.97 18.27
C SER B 535 -20.85 0.63 18.58
N SER B 536 -22.12 0.68 19.01
CA SER B 536 -22.90 -0.51 19.30
C SER B 536 -23.45 -1.20 18.03
N GLN B 537 -23.51 -0.48 16.88
CA GLN B 537 -24.02 -0.98 15.59
C GLN B 537 -23.33 -2.29 15.22
N GLY B 538 -24.14 -3.32 14.92
CA GLY B 538 -23.65 -4.65 14.61
C GLY B 538 -23.48 -5.58 15.81
N SER B 539 -23.52 -5.03 17.05
CA SER B 539 -23.38 -5.81 18.30
C SER B 539 -24.72 -6.11 18.99
N GLU B 540 -24.74 -7.13 19.87
CA GLU B 540 -25.96 -7.45 20.61
C GLU B 540 -25.63 -7.86 22.02
N TYR B 541 -26.54 -7.56 22.93
CA TYR B 541 -26.39 -7.79 24.35
C TYR B 541 -27.74 -8.24 24.93
N ASP B 542 -27.74 -9.09 25.98
CA ASP B 542 -28.98 -9.56 26.61
C ASP B 542 -29.77 -8.38 27.15
N TYR B 543 -29.10 -7.52 27.90
CA TYR B 543 -29.74 -6.37 28.51
C TYR B 543 -29.05 -5.08 28.14
N VAL B 544 -29.83 -4.06 27.84
CA VAL B 544 -29.32 -2.77 27.45
C VAL B 544 -29.98 -1.72 28.33
N ILE B 545 -29.18 -0.80 28.85
CA ILE B 545 -29.70 0.36 29.57
C ILE B 545 -29.33 1.57 28.74
N PHE B 546 -30.33 2.28 28.25
CA PHE B 546 -30.11 3.43 27.38
C PHE B 546 -30.55 4.70 28.03
N THR B 547 -29.66 5.71 28.14
CA THR B 547 -30.10 7.05 28.61
C THR B 547 -30.04 7.99 27.37
N GLN B 548 -31.17 8.60 26.99
CA GLN B 548 -31.19 9.50 25.84
C GLN B 548 -30.25 10.71 26.01
N THR B 549 -30.01 11.14 27.27
CA THR B 549 -29.10 12.25 27.67
C THR B 549 -29.73 13.64 27.33
N THR B 550 -29.97 13.93 26.04
CA THR B 550 -30.55 15.21 25.61
C THR B 550 -31.77 14.98 24.66
N GLU B 551 -32.44 16.07 24.23
CA GLU B 551 -33.50 16.08 23.22
C GLU B 551 -33.00 16.73 21.92
N THR B 552 -31.71 16.67 21.63
CA THR B 552 -31.14 17.26 20.42
C THR B 552 -31.57 16.46 19.13
N ALA B 553 -31.23 16.96 17.93
CA ALA B 553 -31.44 16.26 16.68
C ALA B 553 -30.59 14.95 16.67
N HIS B 554 -29.38 14.98 17.27
CA HIS B 554 -28.48 13.83 17.39
C HIS B 554 -29.11 12.68 18.21
N SER B 555 -29.58 13.01 19.44
CA SER B 555 -30.14 12.00 20.30
C SER B 555 -31.54 11.56 19.88
N CYS B 556 -32.25 12.38 19.04
CA CYS B 556 -33.58 12.02 18.56
C CYS B 556 -33.55 11.41 17.18
N ASN B 557 -32.38 11.27 16.53
CA ASN B 557 -32.29 10.71 15.19
C ASN B 557 -32.94 9.30 15.18
N VAL B 558 -33.96 9.07 14.30
CA VAL B 558 -34.67 7.80 14.38
C VAL B 558 -33.77 6.62 14.02
N ASN B 559 -32.75 6.80 13.15
CA ASN B 559 -31.85 5.70 12.81
C ASN B 559 -30.97 5.33 14.00
N ARG B 560 -30.44 6.34 14.70
CA ARG B 560 -29.65 6.15 15.90
C ARG B 560 -30.55 5.50 16.98
N PHE B 561 -31.78 5.95 17.10
CA PHE B 561 -32.71 5.42 18.09
C PHE B 561 -33.01 3.90 17.84
N ASN B 562 -33.20 3.55 16.54
CA ASN B 562 -33.43 2.23 16.00
C ASN B 562 -32.24 1.33 16.38
N VAL B 563 -30.98 1.77 16.09
CA VAL B 563 -29.78 1.01 16.44
C VAL B 563 -29.70 0.79 17.97
N ALA B 564 -29.95 1.83 18.74
CA ALA B 564 -29.86 1.77 20.19
C ALA B 564 -30.74 0.67 20.83
N ILE B 565 -32.04 0.65 20.50
CA ILE B 565 -32.95 -0.26 21.14
C ILE B 565 -32.95 -1.66 20.52
N THR B 566 -32.40 -1.85 19.29
CA THR B 566 -32.29 -3.18 18.69
C THR B 566 -30.98 -3.91 19.08
N ARG B 567 -30.24 -3.40 20.09
CA ARG B 567 -29.04 -4.10 20.55
C ARG B 567 -29.44 -5.23 21.56
N ALA B 568 -30.65 -5.16 22.17
CA ALA B 568 -31.18 -6.02 23.20
C ALA B 568 -31.83 -7.35 22.71
N LYS B 569 -31.33 -8.44 23.28
CA LYS B 569 -31.85 -9.79 23.06
C LYS B 569 -32.97 -10.11 24.08
N VAL B 570 -32.91 -9.58 25.28
CA VAL B 570 -33.86 -9.92 26.33
C VAL B 570 -34.64 -8.72 26.90
N GLY B 571 -33.92 -7.73 27.42
CA GLY B 571 -34.54 -6.57 28.04
C GLY B 571 -33.80 -5.27 27.77
N ILE B 572 -34.53 -4.17 27.93
CA ILE B 572 -33.99 -2.84 27.75
C ILE B 572 -34.67 -1.87 28.72
N LEU B 573 -33.90 -0.93 29.24
CA LEU B 573 -34.44 0.15 30.05
C LEU B 573 -34.10 1.43 29.26
N CYS B 574 -35.10 2.23 28.88
CA CYS B 574 -34.86 3.47 28.15
C CYS B 574 -35.20 4.66 29.02
N ILE B 575 -34.21 5.48 29.40
CA ILE B 575 -34.49 6.72 30.16
C ILE B 575 -34.50 7.79 29.08
N MET B 576 -35.72 8.29 28.73
CA MET B 576 -35.99 9.22 27.65
C MET B 576 -36.09 10.67 28.05
N SER B 577 -35.65 11.52 27.13
CA SER B 577 -35.73 12.96 27.23
C SER B 577 -36.85 13.46 26.33
N ASP B 578 -37.03 12.84 25.15
CA ASP B 578 -37.96 13.23 24.11
C ASP B 578 -39.31 12.57 24.28
N ARG B 579 -40.38 13.37 24.41
CA ARG B 579 -41.76 12.89 24.55
C ARG B 579 -42.19 12.07 23.35
N ASP B 580 -41.82 12.50 22.15
CA ASP B 580 -42.13 11.85 20.86
C ASP B 580 -41.64 10.37 20.85
N LEU B 581 -40.30 10.15 20.90
CA LEU B 581 -39.73 8.81 20.93
C LEU B 581 -40.19 8.01 22.16
N TYR B 582 -40.40 8.68 23.32
CA TYR B 582 -40.88 7.98 24.50
C TYR B 582 -42.28 7.41 24.24
N ASP B 583 -43.17 8.20 23.62
CA ASP B 583 -44.55 7.79 23.30
C ASP B 583 -44.56 6.69 22.25
N LYS B 584 -43.57 6.68 21.34
CA LYS B 584 -43.42 5.66 20.31
C LYS B 584 -42.96 4.30 20.90
N LEU B 585 -42.18 4.31 22.01
CA LEU B 585 -41.75 3.05 22.64
C LEU B 585 -42.93 2.19 23.15
N GLN B 586 -43.03 0.94 22.65
CA GLN B 586 -44.09 0.02 23.08
C GLN B 586 -43.57 -0.81 24.27
N PHE B 587 -43.17 -0.09 25.34
CA PHE B 587 -42.58 -0.63 26.54
C PHE B 587 -43.47 -0.32 27.72
N THR B 588 -43.26 -1.06 28.80
CA THR B 588 -43.95 -0.83 30.04
C THR B 588 -43.32 0.43 30.65
N SER B 589 -44.14 1.43 30.99
CA SER B 589 -43.62 2.64 31.59
C SER B 589 -43.37 2.47 33.11
N LEU B 590 -42.26 3.04 33.61
CA LEU B 590 -41.95 2.98 35.03
C LEU B 590 -42.09 4.40 35.63
N GLU B 591 -42.57 4.51 36.87
CA GLU B 591 -42.69 5.81 37.51
C GLU B 591 -41.28 6.27 38.00
N ILE B 592 -41.09 7.60 38.20
CA ILE B 592 -39.82 8.14 38.71
C ILE B 592 -39.85 8.18 40.21
N PRO B 593 -38.88 7.52 40.87
CA PRO B 593 -38.84 7.57 42.35
C PRO B 593 -38.36 8.92 42.92
ZN ZN C . -3.30 -47.73 -3.86
ZN ZN D . 7.80 -29.69 -9.83
ZN ZN E . 2.87 -26.76 -21.51
P PO4 F . 26.67 9.86 -12.08
O1 PO4 F . 27.57 9.18 -10.94
O2 PO4 F . 26.75 8.99 -13.34
O3 PO4 F . 27.17 11.32 -12.48
O4 PO4 F . 25.17 10.01 -11.53
P PO4 G . 28.05 5.80 -9.41
O1 PO4 G . 29.48 6.42 -9.09
O2 PO4 G . 28.04 5.46 -10.89
O3 PO4 G . 27.86 4.48 -8.52
O4 PO4 G . 26.86 6.82 -9.09
N1 S7G H . -16.95 8.63 -16.52
C4 S7G H . -18.19 8.65 -15.96
C5 S7G H . -18.34 8.24 -14.62
C6 S7G H . -19.60 8.27 -14.06
C7 S7G H . -20.68 8.70 -14.77
C8 S7G H . -20.53 9.12 -16.08
C10 S7G H . -19.07 9.51 -18.11
N S7G H . -17.97 8.64 -20.14
C S7G H . -17.99 7.27 -22.11
O S7G H . -19.92 7.79 -20.80
C1 S7G H . -18.71 7.91 -20.96
C2 S7G H . -18.09 8.53 -18.69
C3 S7G H . -16.75 8.70 -17.96
C9 S7G H . -19.27 9.16 -16.67
ZN ZN I . -13.22 25.84 -9.76
ZN ZN J . -17.43 20.95 -20.77
ZN ZN K . 1.26 41.15 -15.07
P PO4 L . -27.61 -9.78 11.32
O1 PO4 L . -26.28 -9.89 10.44
O2 PO4 L . -27.48 -8.64 12.42
O3 PO4 L . -27.93 -11.15 11.98
O4 PO4 L . -28.83 -9.31 10.41
P PO4 M . -27.33 -5.22 12.98
O1 PO4 M . -26.36 -6.50 12.98
O2 PO4 M . -26.48 -3.93 12.93
O3 PO4 M . -28.26 -5.21 14.28
O4 PO4 M . -28.19 -5.19 11.64
#